data_5TUE
#
_entry.id   5TUE
#
_cell.length_a   50.940
_cell.length_b   107.610
_cell.length_c   152.480
_cell.angle_alpha   90.00
_cell.angle_beta   90.00
_cell.angle_gamma   90.00
#
_symmetry.space_group_name_H-M   'P 21 21 21'
#
loop_
_entity.id
_entity.type
_entity.pdbx_description
1 polymer 'Tetracycline destructase Tet(50)'
2 non-polymer 'SULFATE ION'
3 non-polymer 'FLAVIN-ADENINE DINUCLEOTIDE'
4 water water
#
_entity_poly.entity_id   1
_entity_poly.type   'polypeptide(L)'
_entity_poly.pdbx_seq_one_letter_code
;MGSSHHHHHHSSGLVPRGSHMMTKHIKILVIGVGVAGPAVAYWLKRFGFSPVLIEKSAAVRKGGQALDIRGIATHIAKEM
GIYDQICNMRTQIKCGRYVDVKGNVLHEEQGETFGFRQDDEVEILRGDLVEILMKAIADIPCEFKQSVIKIEQNEDSVTV
TYKDGRVENYDLVIAADGIHSATRGMVFSKNEYQLINLGSYVSAFTIPNYLGLDHMELLCESNHKLVTLQSDSQADKAMA
GFMFRSKHVLEDIRDEQEQKHFLHASFQNFGWETQNILNRMPESDDFYFDAITQIKMKSWTKGRIALIGDAAYCPSPLSG
QGNNLAFVGAYILAGELKKADGDYIQAFTRYNELLHPFVEANQQFGVWVSESFLLKDDEVSKEIAEARSNKILAMIKSVS
NSINLPQYE
;
_entity_poly.pdbx_strand_id   A,B
#
# COMPACT_ATOMS: atom_id res chain seq x y z
N MET A 22 -37.29 2.39 4.53
CA MET A 22 -37.07 3.80 4.96
C MET A 22 -35.60 4.18 4.78
N THR A 23 -35.28 5.46 4.99
CA THR A 23 -33.92 5.96 4.87
C THR A 23 -32.94 5.18 5.74
N LYS A 24 -33.41 4.72 6.89
CA LYS A 24 -32.60 3.94 7.81
C LYS A 24 -32.08 2.66 7.16
N HIS A 25 -32.88 2.11 6.24
CA HIS A 25 -32.57 0.82 5.62
C HIS A 25 -31.86 0.96 4.28
N ILE A 26 -31.53 2.20 3.90
CA ILE A 26 -30.71 2.44 2.73
C ILE A 26 -29.26 2.10 3.09
N LYS A 27 -28.66 1.20 2.31
CA LYS A 27 -27.30 0.73 2.58
C LYS A 27 -26.28 1.65 1.90
N ILE A 28 -25.49 2.33 2.72
CA ILE A 28 -24.51 3.29 2.22
C ILE A 28 -23.10 2.91 2.69
N LEU A 29 -22.20 2.72 1.72
CA LEU A 29 -20.79 2.45 2.01
C LEU A 29 -19.99 3.75 1.92
N VAL A 30 -19.23 4.03 2.97
CA VAL A 30 -18.33 5.17 2.99
C VAL A 30 -16.89 4.67 3.00
N ILE A 31 -16.12 5.02 1.97
CA ILE A 31 -14.74 4.56 1.85
C ILE A 31 -13.74 5.64 2.24
N GLY A 32 -12.98 5.38 3.31
CA GLY A 32 -11.90 6.24 3.74
C GLY A 32 -12.14 6.85 5.10
N VAL A 33 -11.25 6.55 6.05
CA VAL A 33 -11.28 7.18 7.36
C VAL A 33 -10.24 8.30 7.39
N GLY A 34 -10.65 9.45 6.86
CA GLY A 34 -9.84 10.66 6.91
C GLY A 34 -10.67 11.76 7.54
N VAL A 35 -10.88 12.84 6.81
CA VAL A 35 -11.74 13.93 7.28
C VAL A 35 -13.13 13.83 6.69
N ALA A 36 -13.21 13.76 5.36
CA ALA A 36 -14.49 13.79 4.66
C ALA A 36 -15.34 12.55 4.92
N GLY A 37 -14.70 11.39 5.01
CA GLY A 37 -15.39 10.14 5.21
C GLY A 37 -16.14 10.09 6.54
N PRO A 38 -15.42 10.27 7.65
CA PRO A 38 -16.08 10.29 8.96
C PRO A 38 -17.04 11.45 9.11
N ALA A 39 -16.73 12.58 8.48
CA ALA A 39 -17.58 13.75 8.57
C ALA A 39 -18.93 13.50 7.89
N VAL A 40 -18.91 12.91 6.70
CA VAL A 40 -20.15 12.67 5.98
C VAL A 40 -20.92 11.54 6.65
N ALA A 41 -20.20 10.60 7.23
CA ALA A 41 -20.81 9.50 7.96
C ALA A 41 -21.58 10.05 9.17
N TYR A 42 -20.96 11.00 9.86
CA TYR A 42 -21.60 11.65 11.00
C TYR A 42 -22.93 12.28 10.60
N TRP A 43 -22.91 13.09 9.54
CA TRP A 43 -24.09 13.84 9.13
C TRP A 43 -25.16 12.93 8.53
N LEU A 44 -24.73 11.90 7.81
CA LEU A 44 -25.67 10.90 7.30
C LEU A 44 -26.41 10.23 8.44
N LYS A 45 -25.66 9.84 9.47
CA LYS A 45 -26.24 9.19 10.65
C LYS A 45 -27.18 10.14 11.38
N ARG A 46 -26.79 11.41 11.47
CA ARG A 46 -27.59 12.41 12.14
C ARG A 46 -28.88 12.70 11.38
N PHE A 47 -28.84 12.56 10.06
CA PHE A 47 -29.99 12.84 9.21
C PHE A 47 -30.81 11.58 8.95
N GLY A 48 -30.59 10.54 9.75
CA GLY A 48 -31.45 9.36 9.74
C GLY A 48 -31.03 8.24 8.80
N PHE A 49 -29.80 8.27 8.32
CA PHE A 49 -29.29 7.20 7.48
C PHE A 49 -28.42 6.25 8.30
N SER A 50 -27.97 5.16 7.66
CA SER A 50 -27.16 4.14 8.34
C SER A 50 -25.94 3.77 7.52
N PRO A 51 -24.93 4.64 7.52
CA PRO A 51 -23.70 4.40 6.76
C PRO A 51 -22.76 3.41 7.44
N VAL A 52 -21.83 2.85 6.67
CA VAL A 52 -20.75 2.04 7.22
C VAL A 52 -19.43 2.52 6.65
N LEU A 53 -18.37 2.43 7.45
CA LEU A 53 -17.05 2.90 7.04
C LEU A 53 -16.08 1.75 6.82
N ILE A 54 -15.22 1.89 5.82
CA ILE A 54 -14.09 0.98 5.64
C ILE A 54 -12.82 1.80 5.46
N GLU A 55 -11.69 1.17 5.76
CA GLU A 55 -10.39 1.84 5.74
C GLU A 55 -9.29 0.87 5.33
N LYS A 56 -8.47 1.30 4.38
CA LYS A 56 -7.37 0.47 3.88
C LYS A 56 -6.27 0.34 4.91
N SER A 57 -5.97 1.43 5.62
CA SER A 57 -4.96 1.42 6.66
C SER A 57 -5.41 0.58 7.85
N ALA A 58 -4.45 0.12 8.64
CA ALA A 58 -4.75 -0.69 9.81
C ALA A 58 -5.36 0.16 10.92
N ALA A 59 -5.00 1.44 10.96
CA ALA A 59 -5.49 2.35 11.98
C ALA A 59 -5.24 3.80 11.58
N VAL A 60 -5.86 4.72 12.32
CA VAL A 60 -5.69 6.15 12.08
C VAL A 60 -4.26 6.56 12.39
N ARG A 61 -3.54 7.01 11.36
CA ARG A 61 -2.16 7.44 11.52
C ARG A 61 -2.09 8.69 12.40
N LYS A 62 -1.22 8.64 13.41
CA LYS A 62 -1.13 9.72 14.38
C LYS A 62 -0.40 10.93 13.81
N GLY A 63 -0.73 12.12 14.32
CA GLY A 63 -0.08 13.35 13.91
C GLY A 63 -0.25 13.65 12.43
N GLY A 64 0.84 14.03 11.78
CA GLY A 64 0.83 14.29 10.35
C GLY A 64 0.69 15.77 10.03
N GLN A 65 0.24 16.05 8.80
CA GLN A 65 0.12 17.41 8.32
C GLN A 65 -0.92 18.23 9.10
N ALA A 66 -0.59 19.49 9.34
CA ALA A 66 -1.47 20.39 10.08
C ALA A 66 -2.58 20.89 9.16
N LEU A 67 -3.82 20.82 9.66
CA LEU A 67 -4.98 21.19 8.87
C LEU A 67 -5.66 22.43 9.43
N ASP A 68 -6.07 23.32 8.54
CA ASP A 68 -6.80 24.52 8.92
C ASP A 68 -8.30 24.27 8.93
N ILE A 69 -8.95 24.66 10.02
CA ILE A 69 -10.41 24.73 10.06
C ILE A 69 -10.78 26.21 10.08
N ARG A 70 -11.10 26.74 8.90
CA ARG A 70 -11.43 28.14 8.75
C ARG A 70 -12.76 28.33 8.02
N GLY A 71 -13.29 29.54 8.08
CA GLY A 71 -14.52 29.88 7.39
C GLY A 71 -15.70 29.05 7.86
N ILE A 72 -16.43 28.49 6.90
CA ILE A 72 -17.65 27.75 7.18
C ILE A 72 -17.40 26.54 8.08
N ALA A 73 -16.22 25.94 7.92
CA ALA A 73 -15.92 24.68 8.61
C ALA A 73 -16.02 24.81 10.13
N THR A 74 -15.80 26.02 10.65
CA THR A 74 -15.89 26.23 12.09
C THR A 74 -17.33 26.09 12.56
N HIS A 75 -18.25 26.67 11.80
CA HIS A 75 -19.68 26.58 12.12
C HIS A 75 -20.13 25.11 12.09
N ILE A 76 -19.71 24.38 11.07
CA ILE A 76 -20.07 22.98 10.92
C ILE A 76 -19.46 22.16 12.06
N ALA A 77 -18.19 22.44 12.38
CA ALA A 77 -17.51 21.75 13.47
C ALA A 77 -18.27 21.94 14.78
N LYS A 78 -18.76 23.15 15.02
CA LYS A 78 -19.50 23.46 16.23
C LYS A 78 -20.83 22.70 16.27
N GLU A 79 -21.51 22.59 15.13
CA GLU A 79 -22.76 21.86 15.07
C GLU A 79 -22.53 20.37 15.31
N MET A 80 -21.36 19.90 14.93
CA MET A 80 -20.99 18.50 15.14
C MET A 80 -20.66 18.23 16.60
N GLY A 81 -20.47 19.30 17.37
CA GLY A 81 -20.18 19.20 18.79
C GLY A 81 -18.78 18.69 19.06
N ILE A 82 -17.83 19.07 18.19
CA ILE A 82 -16.44 18.64 18.31
C ILE A 82 -15.47 19.82 18.35
N TYR A 83 -16.02 21.04 18.29
CA TYR A 83 -15.18 22.23 18.18
C TYR A 83 -14.27 22.42 19.39
N ASP A 84 -14.82 22.25 20.60
CA ASP A 84 -14.03 22.42 21.81
C ASP A 84 -12.94 21.35 21.90
N GLN A 85 -13.25 20.15 21.44
CA GLN A 85 -12.26 19.07 21.42
C GLN A 85 -11.12 19.41 20.45
N ILE A 86 -11.47 19.97 19.31
CA ILE A 86 -10.48 20.38 18.32
C ILE A 86 -9.57 21.45 18.90
N CYS A 87 -10.17 22.44 19.57
CA CYS A 87 -9.41 23.52 20.18
C CYS A 87 -8.46 22.99 21.25
N ASN A 88 -8.88 21.96 21.97
CA ASN A 88 -8.05 21.36 23.01
C ASN A 88 -6.80 20.69 22.42
N MET A 89 -6.89 20.30 21.15
CA MET A 89 -5.79 19.63 20.46
C MET A 89 -5.17 20.51 19.39
N ARG A 90 -5.44 21.81 19.44
CA ARG A 90 -4.96 22.73 18.42
C ARG A 90 -3.44 22.87 18.46
N THR A 91 -2.85 23.22 17.32
CA THR A 91 -1.43 23.53 17.27
C THR A 91 -1.17 24.77 18.12
N GLN A 92 0.04 24.86 18.66
CA GLN A 92 0.37 25.91 19.63
C GLN A 92 1.63 26.68 19.25
N ILE A 93 1.81 26.98 17.97
CA ILE A 93 2.86 27.89 17.56
C ILE A 93 2.53 29.28 18.11
N LYS A 94 3.46 29.86 18.85
CA LYS A 94 3.25 31.18 19.44
C LYS A 94 3.81 32.26 18.53
N CYS A 95 4.83 31.91 17.77
CA CYS A 95 5.57 32.89 16.98
C CYS A 95 6.04 32.31 15.65
N GLY A 96 5.77 33.04 14.57
CA GLY A 96 6.26 32.70 13.24
C GLY A 96 7.12 33.82 12.71
N ARG A 97 8.25 33.46 12.10
CA ARG A 97 9.22 34.45 11.64
C ARG A 97 9.66 34.25 10.20
N TYR A 98 9.59 35.32 9.41
CA TYR A 98 10.22 35.36 8.10
C TYR A 98 11.67 35.78 8.30
N VAL A 99 12.60 34.95 7.81
CA VAL A 99 14.02 35.21 8.01
C VAL A 99 14.78 35.15 6.68
N ASP A 100 15.88 35.88 6.59
CA ASP A 100 16.75 35.81 5.41
C ASP A 100 17.74 34.66 5.60
N VAL A 101 18.56 34.42 4.59
CA VAL A 101 19.50 33.29 4.63
C VAL A 101 20.55 33.46 5.73
N LYS A 102 20.68 34.68 6.24
CA LYS A 102 21.67 34.97 7.29
C LYS A 102 21.06 34.86 8.69
N GLY A 103 19.77 34.54 8.76
CA GLY A 103 19.12 34.32 10.04
C GLY A 103 18.50 35.56 10.65
N ASN A 104 18.60 36.70 9.97
CA ASN A 104 17.96 37.92 10.43
C ASN A 104 16.45 37.83 10.29
N VAL A 105 15.73 38.35 11.27
CA VAL A 105 14.27 38.37 11.23
C VAL A 105 13.80 39.53 10.37
N LEU A 106 13.03 39.21 9.33
CA LEU A 106 12.46 40.21 8.44
C LEU A 106 11.08 40.64 8.92
N HIS A 107 10.27 39.65 9.31
CA HIS A 107 8.92 39.92 9.77
C HIS A 107 8.45 38.83 10.72
N GLU A 108 7.87 39.25 11.85
CA GLU A 108 7.39 38.32 12.87
C GLU A 108 5.91 38.53 13.13
N GLU A 109 5.20 37.43 13.34
CA GLU A 109 3.76 37.48 13.63
C GLU A 109 3.38 36.42 14.66
N GLN A 110 2.31 36.68 15.39
CA GLN A 110 1.77 35.69 16.31
C GLN A 110 1.32 34.47 15.51
N GLY A 111 1.25 33.32 16.19
CA GLY A 111 1.02 32.05 15.53
C GLY A 111 -0.17 31.98 14.60
N GLU A 112 -1.34 32.38 15.10
CA GLU A 112 -2.56 32.29 14.32
C GLU A 112 -2.51 33.21 13.10
N THR A 113 -2.09 34.46 13.33
CA THR A 113 -1.93 35.42 12.25
C THR A 113 -0.93 34.91 11.21
N PHE A 114 0.13 34.27 11.70
CA PHE A 114 1.17 33.73 10.83
C PHE A 114 0.60 32.66 9.91
N GLY A 115 -0.33 31.87 10.43
CA GLY A 115 -0.98 30.83 9.66
C GLY A 115 -2.21 31.33 8.91
N PHE A 116 -2.34 32.65 8.82
CA PHE A 116 -3.43 33.28 8.09
C PHE A 116 -4.78 32.86 8.67
N ARG A 117 -4.86 32.79 10.00
CA ARG A 117 -6.09 32.46 10.69
C ARG A 117 -6.47 33.59 11.65
N GLN A 118 -7.75 33.66 11.99
CA GLN A 118 -8.26 34.69 12.87
C GLN A 118 -9.59 34.25 13.45
N ASP A 119 -10.12 35.03 14.39
CA ASP A 119 -11.42 34.76 14.99
C ASP A 119 -11.46 33.37 15.64
N ASP A 120 -12.43 32.55 15.26
CA ASP A 120 -12.61 31.22 15.85
C ASP A 120 -11.89 30.13 15.07
N GLU A 121 -11.17 30.52 14.02
CA GLU A 121 -10.46 29.57 13.18
C GLU A 121 -9.33 28.91 13.97
N VAL A 122 -9.00 27.68 13.61
CA VAL A 122 -8.06 26.88 14.39
C VAL A 122 -7.31 25.88 13.50
N GLU A 123 -6.09 25.55 13.90
CA GLU A 123 -5.28 24.56 13.20
C GLU A 123 -5.07 23.32 14.07
N ILE A 124 -5.06 22.15 13.44
CA ILE A 124 -4.91 20.89 14.14
C ILE A 124 -4.25 19.85 13.23
N LEU A 125 -3.43 18.97 13.80
CA LEU A 125 -2.81 17.91 13.03
C LEU A 125 -3.87 16.91 12.58
N ARG A 126 -3.69 16.37 11.38
CA ARG A 126 -4.69 15.50 10.76
C ARG A 126 -5.10 14.34 11.67
N GLY A 127 -4.10 13.62 12.18
CA GLY A 127 -4.37 12.47 13.03
C GLY A 127 -5.20 12.80 14.25
N ASP A 128 -4.95 13.96 14.84
CA ASP A 128 -5.71 14.40 16.02
C ASP A 128 -7.16 14.66 15.65
N LEU A 129 -7.38 15.26 14.48
CA LEU A 129 -8.73 15.57 14.03
C LEU A 129 -9.52 14.31 13.70
N VAL A 130 -8.89 13.39 12.99
CA VAL A 130 -9.56 12.13 12.61
C VAL A 130 -9.98 11.37 13.87
N GLU A 131 -9.11 11.36 14.88
CA GLU A 131 -9.41 10.68 16.13
C GLU A 131 -10.67 11.28 16.77
N ILE A 132 -10.76 12.61 16.77
CA ILE A 132 -11.92 13.30 17.30
C ILE A 132 -13.16 12.99 16.47
N LEU A 133 -12.99 12.94 15.15
CA LEU A 133 -14.10 12.65 14.26
C LEU A 133 -14.61 11.23 14.50
N MET A 134 -13.70 10.28 14.69
CA MET A 134 -14.08 8.90 14.89
C MET A 134 -14.77 8.69 16.23
N LYS A 135 -14.39 9.46 17.24
CA LYS A 135 -15.07 9.40 18.53
C LYS A 135 -16.49 9.92 18.41
N ALA A 136 -16.70 10.87 17.51
CA ALA A 136 -18.02 11.46 17.32
C ALA A 136 -18.98 10.49 16.62
N ILE A 137 -18.42 9.45 16.02
CA ILE A 137 -19.22 8.44 15.32
C ILE A 137 -18.94 7.02 15.85
N ALA A 138 -18.81 6.90 17.17
CA ALA A 138 -18.50 5.62 17.80
C ALA A 138 -19.58 4.58 17.52
N ASP A 139 -20.79 5.05 17.21
CA ASP A 139 -21.92 4.17 16.94
C ASP A 139 -21.85 3.56 15.54
N ILE A 140 -21.23 4.28 14.60
CA ILE A 140 -21.17 3.84 13.21
C ILE A 140 -20.17 2.70 13.03
N PRO A 141 -20.58 1.61 12.36
CA PRO A 141 -19.64 0.51 12.10
C PRO A 141 -18.47 0.94 11.23
N CYS A 142 -17.26 0.48 11.58
CA CYS A 142 -16.06 0.80 10.81
C CYS A 142 -15.11 -0.38 10.76
N GLU A 143 -14.59 -0.65 9.57
CA GLU A 143 -13.69 -1.79 9.35
C GLU A 143 -12.35 -1.35 8.76
N PHE A 144 -11.29 -1.48 9.57
CA PHE A 144 -9.95 -1.12 9.12
C PHE A 144 -9.30 -2.27 8.38
N LYS A 145 -8.20 -1.97 7.70
CA LYS A 145 -7.46 -2.94 6.90
C LYS A 145 -8.39 -3.64 5.91
N GLN A 146 -9.23 -2.83 5.25
CA GLN A 146 -10.18 -3.33 4.26
C GLN A 146 -10.12 -2.47 3.00
N SER A 147 -10.20 -3.11 1.84
CA SER A 147 -10.04 -2.40 0.57
C SER A 147 -10.94 -2.97 -0.53
N VAL A 148 -11.47 -2.07 -1.35
CA VAL A 148 -12.27 -2.44 -2.51
C VAL A 148 -11.37 -2.59 -3.73
N ILE A 149 -11.45 -3.73 -4.41
CA ILE A 149 -10.61 -3.99 -5.58
C ILE A 149 -11.41 -3.90 -6.88
N LYS A 150 -12.74 -3.91 -6.77
CA LYS A 150 -13.59 -3.73 -7.95
C LYS A 150 -14.95 -3.16 -7.58
N ILE A 151 -15.49 -2.34 -8.48
CA ILE A 151 -16.81 -1.74 -8.30
C ILE A 151 -17.60 -1.85 -9.59
N GLU A 152 -18.80 -2.39 -9.49
CA GLU A 152 -19.74 -2.43 -10.60
C GLU A 152 -21.11 -2.02 -10.10
N GLN A 153 -21.82 -1.24 -10.91
CA GLN A 153 -23.15 -0.77 -10.54
C GLN A 153 -24.13 -0.87 -11.69
N ASN A 154 -25.40 -1.00 -11.35
CA ASN A 154 -26.48 -0.89 -12.31
C ASN A 154 -27.56 0.02 -11.73
N GLU A 155 -28.76 -0.02 -12.31
CA GLU A 155 -29.84 0.86 -11.88
C GLU A 155 -30.29 0.60 -10.44
N ASP A 156 -30.09 -0.62 -9.96
CA ASP A 156 -30.65 -1.03 -8.68
C ASP A 156 -29.63 -1.08 -7.54
N SER A 157 -28.35 -1.23 -7.87
CA SER A 157 -27.36 -1.49 -6.83
C SER A 157 -25.92 -1.25 -7.27
N VAL A 158 -25.04 -1.11 -6.27
CA VAL A 158 -23.60 -1.05 -6.49
C VAL A 158 -22.97 -2.31 -5.90
N THR A 159 -22.36 -3.12 -6.76
CA THR A 159 -21.68 -4.34 -6.33
C THR A 159 -20.22 -4.06 -6.01
N VAL A 160 -19.84 -4.27 -4.75
CA VAL A 160 -18.49 -4.01 -4.28
C VAL A 160 -17.76 -5.33 -4.03
N THR A 161 -16.58 -5.45 -4.61
CA THR A 161 -15.71 -6.61 -4.39
C THR A 161 -14.53 -6.21 -3.51
N TYR A 162 -14.39 -6.87 -2.37
CA TYR A 162 -13.31 -6.56 -1.44
C TYR A 162 -12.03 -7.29 -1.82
N LYS A 163 -10.95 -6.99 -1.10
CA LYS A 163 -9.63 -7.56 -1.38
C LYS A 163 -9.64 -9.08 -1.46
N ASP A 164 -10.37 -9.71 -0.54
CA ASP A 164 -10.36 -11.17 -0.43
C ASP A 164 -11.32 -11.85 -1.40
N GLY A 165 -11.94 -11.05 -2.27
CA GLY A 165 -12.84 -11.58 -3.27
C GLY A 165 -14.29 -11.59 -2.82
N ARG A 166 -14.52 -11.33 -1.53
CA ARG A 166 -15.88 -11.24 -1.00
C ARG A 166 -16.66 -10.13 -1.70
N VAL A 167 -17.97 -10.32 -1.80
CA VAL A 167 -18.84 -9.37 -2.49
C VAL A 167 -19.95 -8.86 -1.57
N GLU A 168 -20.27 -7.57 -1.69
CA GLU A 168 -21.41 -6.99 -1.00
C GLU A 168 -22.09 -5.94 -1.88
N ASN A 169 -23.41 -5.86 -1.75
CA ASN A 169 -24.20 -4.88 -2.51
C ASN A 169 -24.61 -3.70 -1.63
N TYR A 170 -24.59 -2.51 -2.22
CA TYR A 170 -24.96 -1.29 -1.53
C TYR A 170 -25.90 -0.45 -2.38
N ASP A 171 -26.73 0.36 -1.74
CA ASP A 171 -27.56 1.31 -2.45
C ASP A 171 -26.70 2.46 -2.95
N LEU A 172 -25.80 2.93 -2.09
CA LEU A 172 -24.93 4.05 -2.41
C LEU A 172 -23.50 3.80 -1.94
N VAL A 173 -22.54 4.37 -2.67
CA VAL A 173 -21.14 4.35 -2.27
C VAL A 173 -20.59 5.78 -2.32
N ILE A 174 -20.07 6.25 -1.18
CA ILE A 174 -19.44 7.56 -1.10
C ILE A 174 -17.95 7.39 -0.80
N ALA A 175 -17.11 7.76 -1.75
CA ALA A 175 -15.68 7.52 -1.64
C ALA A 175 -14.94 8.76 -1.17
N ALA A 176 -14.26 8.62 -0.03
CA ALA A 176 -13.42 9.68 0.52
C ALA A 176 -12.01 9.15 0.72
N ASP A 177 -11.43 8.59 -0.34
CA ASP A 177 -10.16 7.89 -0.25
C ASP A 177 -8.98 8.72 -0.77
N GLY A 178 -9.04 10.03 -0.53
CA GLY A 178 -7.88 10.89 -0.74
C GLY A 178 -7.65 11.32 -2.18
N ILE A 179 -6.66 12.19 -2.36
CA ILE A 179 -6.37 12.80 -3.65
C ILE A 179 -6.03 11.77 -4.72
N HIS A 180 -5.33 10.71 -4.32
CA HIS A 180 -4.99 9.62 -5.23
C HIS A 180 -6.07 8.55 -5.15
N SER A 181 -7.31 8.97 -5.32
CA SER A 181 -8.48 8.10 -5.17
C SER A 181 -8.48 6.92 -6.13
N ALA A 182 -8.46 5.72 -5.57
CA ALA A 182 -8.61 4.51 -6.37
C ALA A 182 -10.01 4.46 -6.97
N THR A 183 -11.00 4.87 -6.18
CA THR A 183 -12.39 4.84 -6.62
C THR A 183 -12.61 5.74 -7.83
N ARG A 184 -11.98 6.91 -7.83
CA ARG A 184 -12.09 7.84 -8.95
C ARG A 184 -11.58 7.17 -10.23
N GLY A 185 -10.45 6.49 -10.13
CA GLY A 185 -9.86 5.81 -11.26
C GLY A 185 -10.68 4.61 -11.70
N MET A 186 -11.41 4.01 -10.76
CA MET A 186 -12.23 2.84 -11.04
C MET A 186 -13.54 3.22 -11.72
N VAL A 187 -14.10 4.37 -11.34
CA VAL A 187 -15.45 4.75 -11.76
C VAL A 187 -15.46 5.74 -12.93
N PHE A 188 -14.51 6.68 -12.93
CA PHE A 188 -14.50 7.75 -13.92
C PHE A 188 -13.42 7.55 -14.98
N SER A 189 -13.70 8.04 -16.18
CA SER A 189 -12.71 8.02 -17.26
C SER A 189 -11.85 9.27 -17.21
N LYS A 190 -10.77 9.29 -17.98
CA LYS A 190 -9.84 10.40 -17.96
C LYS A 190 -10.44 11.68 -18.53
N ASN A 191 -11.53 11.53 -19.28
CA ASN A 191 -12.24 12.69 -19.82
C ASN A 191 -13.14 13.34 -18.78
N GLU A 192 -13.34 12.65 -17.66
CA GLU A 192 -14.30 13.10 -16.65
C GLU A 192 -13.61 13.74 -15.44
N TYR A 193 -12.30 13.85 -15.48
CA TYR A 193 -11.56 14.57 -14.44
C TYR A 193 -10.19 14.99 -14.93
N GLN A 194 -9.65 16.03 -14.31
CA GLN A 194 -8.31 16.53 -14.62
C GLN A 194 -7.45 16.55 -13.37
N LEU A 195 -6.17 16.23 -13.55
CA LEU A 195 -5.17 16.38 -12.50
C LEU A 195 -4.37 17.63 -12.80
N ILE A 196 -4.78 18.75 -12.21
CA ILE A 196 -4.17 20.04 -12.48
C ILE A 196 -2.88 20.23 -11.69
N ASN A 197 -1.78 20.31 -12.40
CA ASN A 197 -0.47 20.52 -11.80
C ASN A 197 -0.20 22.01 -11.62
N LEU A 198 0.13 22.41 -10.39
CA LEU A 198 0.40 23.81 -10.09
C LEU A 198 1.88 24.13 -10.26
N GLY A 199 2.61 23.23 -10.91
CA GLY A 199 4.00 23.48 -11.28
C GLY A 199 4.95 23.61 -10.12
N SER A 200 4.70 22.87 -9.04
CA SER A 200 5.56 22.91 -7.88
C SER A 200 5.48 21.63 -7.05
N TYR A 201 6.51 21.41 -6.23
CA TYR A 201 6.61 20.23 -5.37
C TYR A 201 6.62 20.63 -3.91
N VAL A 202 6.10 19.76 -3.06
CA VAL A 202 6.12 19.96 -1.61
C VAL A 202 6.73 18.74 -0.94
N SER A 203 7.50 18.97 0.12
CA SER A 203 8.14 17.89 0.87
C SER A 203 8.19 18.23 2.35
N ALA A 204 8.18 17.19 3.19
CA ALA A 204 8.18 17.39 4.62
C ALA A 204 8.68 16.15 5.36
N PHE A 205 9.38 16.37 6.46
CA PHE A 205 9.84 15.28 7.31
C PHE A 205 10.24 15.80 8.68
N THR A 206 10.17 14.92 9.67
CA THR A 206 10.49 15.27 11.05
C THR A 206 11.95 14.94 11.36
N ILE A 207 12.58 15.82 12.12
CA ILE A 207 13.96 15.66 12.54
C ILE A 207 14.12 16.06 13.99
N PRO A 208 15.28 15.75 14.60
CA PRO A 208 15.56 16.25 15.95
C PRO A 208 15.53 17.78 15.99
N ASN A 209 14.96 18.33 17.06
CA ASN A 209 14.89 19.78 17.24
C ASN A 209 16.26 20.32 17.65
N TYR A 210 17.20 20.31 16.70
CA TYR A 210 18.59 20.63 16.98
C TYR A 210 18.81 22.11 17.25
N LEU A 211 17.91 22.95 16.75
CA LEU A 211 17.97 24.39 17.04
C LEU A 211 17.31 24.71 18.37
N GLY A 212 16.57 23.76 18.92
CA GLY A 212 15.86 23.96 20.17
C GLY A 212 14.75 25.00 20.04
N LEU A 213 14.04 24.95 18.92
CA LEU A 213 12.89 25.82 18.71
C LEU A 213 11.83 25.53 19.78
N ASP A 214 11.14 26.59 20.20
CA ASP A 214 10.13 26.49 21.25
C ASP A 214 8.81 27.10 20.77
N HIS A 215 7.92 26.25 20.26
CA HIS A 215 6.63 26.69 19.73
C HIS A 215 6.83 27.84 18.75
N MET A 216 7.76 27.64 17.82
CA MET A 216 8.13 28.67 16.86
C MET A 216 8.33 28.07 15.47
N GLU A 217 7.98 28.85 14.45
CA GLU A 217 8.24 28.47 13.07
C GLU A 217 9.13 29.50 12.41
N LEU A 218 10.08 29.03 11.60
CA LEU A 218 10.92 29.90 10.80
C LEU A 218 10.61 29.65 9.34
N LEU A 219 10.68 30.70 8.52
CA LEU A 219 10.42 30.58 7.10
C LEU A 219 11.41 31.39 6.29
N CYS A 220 12.21 30.70 5.49
CA CYS A 220 13.15 31.33 4.58
C CYS A 220 12.71 31.04 3.15
N GLU A 221 12.95 31.99 2.25
CA GLU A 221 12.50 31.83 0.86
C GLU A 221 13.42 32.52 -0.14
N SER A 222 13.41 32.00 -1.36
CA SER A 222 14.10 32.62 -2.49
C SER A 222 13.08 32.91 -3.58
N ASN A 223 13.55 33.09 -4.81
CA ASN A 223 12.67 33.44 -5.92
C ASN A 223 11.69 32.33 -6.29
N HIS A 224 12.15 31.08 -6.17
CA HIS A 224 11.35 29.93 -6.59
C HIS A 224 11.27 28.85 -5.52
N LYS A 225 11.87 29.09 -4.36
CA LYS A 225 11.98 28.08 -3.32
C LYS A 225 11.61 28.63 -1.95
N LEU A 226 11.17 27.74 -1.07
CA LEU A 226 10.74 28.10 0.27
C LEU A 226 11.04 26.95 1.23
N VAL A 227 11.56 27.29 2.41
CA VAL A 227 11.89 26.29 3.42
C VAL A 227 11.36 26.72 4.78
N THR A 228 10.66 25.82 5.45
CA THR A 228 10.16 26.08 6.80
C THR A 228 10.74 25.10 7.81
N LEU A 229 10.81 25.54 9.06
CA LEU A 229 11.26 24.70 10.15
C LEU A 229 10.55 25.13 11.42
N GLN A 230 9.93 24.19 12.12
CA GLN A 230 9.18 24.50 13.33
C GLN A 230 9.23 23.37 14.35
N SER A 231 8.98 23.74 15.60
CA SER A 231 8.74 22.78 16.67
C SER A 231 7.50 23.24 17.44
N ASP A 232 6.67 22.29 17.88
CA ASP A 232 5.44 22.63 18.57
C ASP A 232 5.15 21.67 19.73
N SER A 233 4.39 20.61 19.49
CA SER A 233 3.89 19.75 20.57
C SER A 233 4.92 18.74 21.06
N GLN A 234 5.93 18.46 20.24
CA GLN A 234 7.05 17.60 20.63
C GLN A 234 8.31 18.44 20.72
N ALA A 235 8.73 18.73 21.94
CA ALA A 235 9.80 19.70 22.19
C ALA A 235 11.14 19.29 21.58
N ASP A 236 11.38 17.99 21.45
CA ASP A 236 12.65 17.50 20.93
C ASP A 236 12.55 17.07 19.46
N LYS A 237 11.45 17.45 18.81
CA LYS A 237 11.27 17.19 17.39
C LYS A 237 11.02 18.47 16.63
N ALA A 238 11.42 18.49 15.36
CA ALA A 238 11.18 19.62 14.48
C ALA A 238 10.68 19.14 13.13
N MET A 239 9.66 19.83 12.62
CA MET A 239 9.10 19.53 11.31
C MET A 239 9.70 20.44 10.24
N ALA A 240 10.37 19.82 9.27
CA ALA A 240 10.94 20.55 8.14
C ALA A 240 9.96 20.56 6.98
N GLY A 241 9.94 21.66 6.23
CA GLY A 241 9.07 21.79 5.08
C GLY A 241 9.79 22.41 3.90
N PHE A 242 9.51 21.91 2.69
CA PHE A 242 10.10 22.42 1.47
C PHE A 242 9.02 22.65 0.42
N MET A 243 9.15 23.75 -0.30
CA MET A 243 8.27 24.04 -1.43
C MET A 243 9.06 24.74 -2.52
N PHE A 244 8.89 24.30 -3.76
CA PHE A 244 9.62 24.89 -4.86
C PHE A 244 8.98 24.64 -6.21
N ARG A 245 9.07 25.64 -7.09
CA ARG A 245 8.56 25.54 -8.44
C ARG A 245 9.59 24.85 -9.33
N SER A 246 9.12 23.92 -10.15
CA SER A 246 10.01 23.19 -11.05
C SER A 246 9.21 22.47 -12.14
N LYS A 247 9.62 22.68 -13.38
CA LYS A 247 9.01 21.99 -14.52
C LYS A 247 9.61 20.60 -14.69
N HIS A 248 10.54 20.25 -13.82
CA HIS A 248 11.17 18.93 -13.86
C HIS A 248 10.16 17.84 -13.54
N VAL A 249 10.30 16.71 -14.22
CA VAL A 249 9.46 15.54 -13.97
C VAL A 249 10.35 14.37 -13.62
N LEU A 250 10.03 13.68 -12.53
CA LEU A 250 10.80 12.53 -12.09
C LEU A 250 10.52 11.33 -12.99
N GLU A 251 11.52 10.49 -13.18
CA GLU A 251 11.35 9.25 -13.91
C GLU A 251 10.31 8.39 -13.23
N ASP A 252 10.31 8.44 -11.89
CA ASP A 252 9.29 7.78 -11.08
C ASP A 252 8.96 8.68 -9.89
N ILE A 253 7.83 9.37 -9.98
CA ILE A 253 7.45 10.36 -8.97
C ILE A 253 7.21 9.72 -7.61
N ARG A 254 7.08 8.40 -7.58
CA ARG A 254 6.82 7.67 -6.34
C ARG A 254 8.07 7.00 -5.77
N ASP A 255 9.19 7.15 -6.48
CA ASP A 255 10.46 6.61 -6.02
C ASP A 255 11.05 7.49 -4.93
N GLU A 256 10.98 7.04 -3.68
CA GLU A 256 11.39 7.86 -2.54
C GLU A 256 12.87 8.23 -2.57
N GLN A 257 13.71 7.37 -3.15
CA GLN A 257 15.14 7.65 -3.23
C GLN A 257 15.39 8.73 -4.28
N GLU A 258 14.63 8.70 -5.37
CA GLU A 258 14.76 9.72 -6.40
C GLU A 258 14.25 11.05 -5.86
N GLN A 259 13.20 11.00 -5.05
CA GLN A 259 12.62 12.19 -4.45
C GLN A 259 13.63 12.93 -3.58
N LYS A 260 14.38 12.16 -2.78
CA LYS A 260 15.35 12.73 -1.85
C LYS A 260 16.56 13.30 -2.59
N HIS A 261 17.02 12.59 -3.61
CA HIS A 261 18.13 13.08 -4.43
C HIS A 261 17.74 14.36 -5.15
N PHE A 262 16.51 14.40 -5.65
CA PHE A 262 16.01 15.56 -6.36
C PHE A 262 15.82 16.75 -5.42
N LEU A 263 15.36 16.48 -4.20
CA LEU A 263 15.16 17.52 -3.21
C LEU A 263 16.51 18.10 -2.78
N HIS A 264 17.45 17.21 -2.49
CA HIS A 264 18.80 17.61 -2.09
C HIS A 264 19.47 18.44 -3.18
N ALA A 265 19.36 17.98 -4.42
CA ALA A 265 19.96 18.67 -5.56
C ALA A 265 19.29 20.00 -5.82
N SER A 266 17.99 20.08 -5.56
CA SER A 266 17.21 21.29 -5.82
C SER A 266 17.52 22.40 -4.82
N PHE A 267 18.00 22.04 -3.63
CA PHE A 267 18.26 22.99 -2.56
C PHE A 267 19.72 23.06 -2.15
N GLN A 268 20.61 22.53 -3.00
CA GLN A 268 22.01 22.42 -2.63
C GLN A 268 22.69 23.78 -2.48
N ASN A 269 22.08 24.82 -3.04
CA ASN A 269 22.63 26.17 -2.96
C ASN A 269 21.66 27.17 -2.34
N PHE A 270 20.74 26.69 -1.51
CA PHE A 270 19.75 27.55 -0.89
C PHE A 270 20.35 28.32 0.28
N GLY A 271 21.24 27.69 1.03
CA GLY A 271 21.86 28.29 2.18
C GLY A 271 20.98 28.16 3.42
N TRP A 272 21.20 29.05 4.39
CA TRP A 272 20.44 29.04 5.63
C TRP A 272 20.60 27.67 6.33
N GLU A 273 19.49 27.05 6.73
CA GLU A 273 19.54 25.84 7.53
C GLU A 273 19.37 24.56 6.70
N THR A 274 19.28 24.72 5.38
CA THR A 274 18.97 23.58 4.50
C THR A 274 20.00 22.46 4.62
N GLN A 275 21.28 22.81 4.73
CA GLN A 275 22.33 21.80 4.91
C GLN A 275 22.10 21.02 6.19
N ASN A 276 21.81 21.73 7.29
CA ASN A 276 21.59 21.08 8.57
C ASN A 276 20.32 20.25 8.58
N ILE A 277 19.31 20.68 7.83
CA ILE A 277 18.06 19.94 7.73
C ILE A 277 18.25 18.69 6.86
N LEU A 278 18.91 18.88 5.72
CA LEU A 278 19.08 17.78 4.77
C LEU A 278 20.05 16.71 5.29
N ASN A 279 20.99 17.11 6.13
CA ASN A 279 21.90 16.17 6.76
C ASN A 279 21.15 15.17 7.64
N ARG A 280 20.02 15.61 8.17
CA ARG A 280 19.21 14.80 9.08
C ARG A 280 18.06 14.08 8.37
N MET A 281 17.90 14.35 7.07
CA MET A 281 16.81 13.77 6.29
C MET A 281 16.84 12.25 6.20
N PRO A 282 18.04 11.65 6.07
CA PRO A 282 18.08 10.18 5.95
C PRO A 282 17.48 9.45 7.16
N GLU A 283 17.60 10.03 8.34
CA GLU A 283 17.13 9.39 9.57
C GLU A 283 15.67 9.69 9.89
N SER A 284 15.05 10.57 9.11
CA SER A 284 13.64 10.89 9.31
C SER A 284 12.75 9.72 8.87
N ASP A 285 11.72 9.43 9.65
CA ASP A 285 10.90 8.23 9.44
C ASP A 285 9.51 8.51 8.87
N ASP A 286 9.22 9.79 8.62
CA ASP A 286 7.91 10.20 8.12
C ASP A 286 8.02 11.04 6.85
N PHE A 287 9.02 10.74 6.03
CA PHE A 287 9.30 11.52 4.84
C PHE A 287 8.10 11.56 3.89
N TYR A 288 7.80 12.75 3.39
CA TYR A 288 6.72 12.96 2.44
C TYR A 288 7.21 13.81 1.26
N PHE A 289 6.77 13.45 0.06
CA PHE A 289 7.10 14.20 -1.15
C PHE A 289 6.01 13.98 -2.18
N ASP A 290 5.55 15.05 -2.81
CA ASP A 290 4.54 14.94 -3.85
C ASP A 290 4.41 16.23 -4.64
N ALA A 291 3.93 16.13 -5.87
CA ALA A 291 3.63 17.31 -6.66
C ALA A 291 2.41 17.99 -6.07
N ILE A 292 2.33 19.31 -6.23
CA ILE A 292 1.19 20.06 -5.76
C ILE A 292 0.12 20.02 -6.86
N THR A 293 -0.99 19.36 -6.56
CA THR A 293 -2.01 19.02 -7.57
C THR A 293 -3.42 19.35 -7.10
N GLN A 294 -4.30 19.65 -8.06
CA GLN A 294 -5.72 19.84 -7.79
C GLN A 294 -6.56 18.86 -8.60
N ILE A 295 -7.71 18.47 -8.07
CA ILE A 295 -8.65 17.60 -8.77
C ILE A 295 -9.84 18.41 -9.26
N LYS A 296 -10.04 18.41 -10.58
CA LYS A 296 -11.12 19.17 -11.21
C LYS A 296 -12.06 18.22 -11.96
N MET A 297 -13.31 18.15 -11.48
CA MET A 297 -14.32 17.29 -12.08
C MET A 297 -15.61 18.06 -12.36
N LYS A 298 -16.11 17.94 -13.59
CA LYS A 298 -17.40 18.53 -13.94
C LYS A 298 -18.50 17.92 -13.07
N SER A 299 -18.32 16.65 -12.73
CA SER A 299 -19.26 15.94 -11.88
C SER A 299 -18.51 15.01 -10.92
N TRP A 300 -18.80 15.12 -9.62
CA TRP A 300 -18.16 14.31 -8.61
C TRP A 300 -18.87 12.98 -8.41
N THR A 301 -19.94 12.77 -9.19
CA THR A 301 -20.80 11.60 -9.04
C THR A 301 -21.04 10.90 -10.37
N LYS A 302 -21.34 9.60 -10.29
CA LYS A 302 -21.75 8.82 -11.45
C LYS A 302 -22.65 7.70 -10.96
N GLY A 303 -23.92 7.76 -11.33
CA GLY A 303 -24.90 6.78 -10.90
C GLY A 303 -25.14 6.83 -9.40
N ARG A 304 -24.85 5.73 -8.72
CA ARG A 304 -25.05 5.61 -7.29
C ARG A 304 -23.76 5.86 -6.50
N ILE A 305 -22.73 6.36 -7.19
CA ILE A 305 -21.43 6.58 -6.58
C ILE A 305 -21.09 8.07 -6.56
N ALA A 306 -20.56 8.52 -5.43
CA ALA A 306 -20.16 9.91 -5.26
C ALA A 306 -18.75 10.03 -4.66
N LEU A 307 -17.96 10.95 -5.19
CA LEU A 307 -16.66 11.27 -4.61
C LEU A 307 -16.80 12.48 -3.70
N ILE A 308 -15.98 12.53 -2.66
CA ILE A 308 -16.03 13.62 -1.70
C ILE A 308 -14.64 13.84 -1.12
N GLY A 309 -14.38 15.06 -0.65
CA GLY A 309 -13.07 15.40 -0.13
C GLY A 309 -12.04 15.55 -1.23
N ASP A 310 -10.78 15.27 -0.91
CA ASP A 310 -9.69 15.41 -1.87
C ASP A 310 -9.89 14.54 -3.10
N ALA A 311 -10.52 13.38 -2.92
CA ALA A 311 -10.81 12.47 -4.03
C ALA A 311 -11.59 13.20 -5.12
N ALA A 312 -12.43 14.15 -4.71
CA ALA A 312 -13.31 14.85 -5.64
C ALA A 312 -12.79 16.23 -6.03
N TYR A 313 -12.19 16.94 -5.09
CA TYR A 313 -11.88 18.34 -5.31
C TYR A 313 -10.72 18.89 -4.45
N CYS A 314 -9.64 18.13 -4.35
CA CYS A 314 -8.47 18.58 -3.59
C CYS A 314 -8.01 19.95 -4.09
N PRO A 315 -7.96 20.95 -3.19
CA PRO A 315 -7.50 22.28 -3.60
C PRO A 315 -5.99 22.46 -3.44
N SER A 316 -5.31 21.40 -3.03
CA SER A 316 -3.86 21.41 -2.81
C SER A 316 -3.51 22.16 -1.51
N PRO A 317 -2.34 21.85 -0.92
CA PRO A 317 -1.92 22.48 0.34
C PRO A 317 -1.62 23.97 0.20
N LEU A 318 -1.48 24.46 -1.03
CA LEU A 318 -1.22 25.88 -1.26
C LEU A 318 -2.46 26.73 -1.04
N SER A 319 -3.61 26.07 -0.84
CA SER A 319 -4.87 26.76 -0.65
C SER A 319 -5.20 26.92 0.82
N GLY A 320 -4.91 25.90 1.60
CA GLY A 320 -5.26 25.87 3.01
C GLY A 320 -6.75 25.66 3.21
N GLN A 321 -7.42 25.16 2.17
CA GLN A 321 -8.88 25.04 2.16
C GLN A 321 -9.34 23.59 2.13
N GLY A 322 -8.40 22.66 2.07
CA GLY A 322 -8.73 21.25 1.95
C GLY A 322 -9.72 20.78 3.00
N ASN A 323 -9.42 21.08 4.26
CA ASN A 323 -10.31 20.73 5.37
C ASN A 323 -11.68 21.40 5.24
N ASN A 324 -11.67 22.67 4.86
CA ASN A 324 -12.90 23.44 4.70
C ASN A 324 -13.81 22.79 3.66
N LEU A 325 -13.23 22.40 2.53
CA LEU A 325 -13.98 21.78 1.46
C LEU A 325 -14.53 20.42 1.87
N ALA A 326 -13.78 19.70 2.70
CA ALA A 326 -14.21 18.38 3.16
C ALA A 326 -15.46 18.49 4.04
N PHE A 327 -15.40 19.37 5.04
CA PHE A 327 -16.51 19.58 5.96
C PHE A 327 -17.77 20.05 5.23
N VAL A 328 -17.62 21.06 4.37
CA VAL A 328 -18.77 21.60 3.63
C VAL A 328 -19.37 20.54 2.71
N GLY A 329 -18.52 19.79 2.03
CA GLY A 329 -18.98 18.75 1.15
C GLY A 329 -19.78 17.70 1.88
N ALA A 330 -19.25 17.28 3.03
CA ALA A 330 -19.90 16.27 3.86
C ALA A 330 -21.29 16.73 4.31
N TYR A 331 -21.37 18.00 4.71
CA TYR A 331 -22.63 18.58 5.18
C TYR A 331 -23.66 18.63 4.05
N ILE A 332 -23.23 19.12 2.90
CA ILE A 332 -24.15 19.31 1.78
C ILE A 332 -24.61 17.98 1.19
N LEU A 333 -23.69 17.06 0.95
CA LEU A 333 -24.06 15.78 0.37
C LEU A 333 -25.03 15.03 1.29
N ALA A 334 -24.73 15.03 2.58
CA ALA A 334 -25.60 14.37 3.56
C ALA A 334 -26.94 15.08 3.62
N GLY A 335 -26.90 16.41 3.59
CA GLY A 335 -28.12 17.21 3.65
C GLY A 335 -29.03 17.01 2.46
N GLU A 336 -28.46 17.05 1.26
CA GLU A 336 -29.26 16.89 0.04
C GLU A 336 -29.88 15.51 -0.05
N LEU A 337 -29.20 14.52 0.52
CA LEU A 337 -29.75 13.17 0.57
C LEU A 337 -30.95 13.14 1.52
N LYS A 338 -30.85 13.90 2.60
CA LYS A 338 -31.96 14.00 3.56
C LYS A 338 -33.20 14.60 2.91
N LYS A 339 -33.04 15.77 2.28
CA LYS A 339 -34.18 16.45 1.67
C LYS A 339 -34.76 15.64 0.53
N ALA A 340 -33.91 14.84 -0.11
CA ALA A 340 -34.34 14.00 -1.23
C ALA A 340 -34.89 12.66 -0.75
N ASP A 341 -34.96 12.48 0.57
CA ASP A 341 -35.43 11.23 1.16
C ASP A 341 -34.71 10.02 0.57
N GLY A 342 -33.40 10.16 0.37
CA GLY A 342 -32.58 9.05 -0.09
C GLY A 342 -32.44 8.98 -1.60
N ASP A 343 -33.25 9.75 -2.32
CA ASP A 343 -33.16 9.76 -3.78
C ASP A 343 -31.84 10.36 -4.23
N TYR A 344 -30.90 9.49 -4.61
CA TYR A 344 -29.53 9.88 -4.90
C TYR A 344 -29.41 10.67 -6.20
N ILE A 345 -30.30 10.41 -7.15
CA ILE A 345 -30.24 11.11 -8.43
C ILE A 345 -30.50 12.60 -8.24
N GLN A 346 -31.49 12.94 -7.41
CA GLN A 346 -31.76 14.33 -7.08
C GLN A 346 -30.62 14.91 -6.23
N ALA A 347 -30.26 14.18 -5.17
CA ALA A 347 -29.26 14.63 -4.21
C ALA A 347 -27.90 14.89 -4.84
N PHE A 348 -27.44 13.97 -5.70
CA PHE A 348 -26.13 14.10 -6.31
C PHE A 348 -26.06 15.28 -7.27
N THR A 349 -27.18 15.57 -7.92
CA THR A 349 -27.28 16.74 -8.79
C THR A 349 -27.16 18.01 -7.97
N ARG A 350 -27.90 18.07 -6.87
CA ARG A 350 -27.85 19.21 -5.97
C ARG A 350 -26.47 19.35 -5.32
N TYR A 351 -25.86 18.21 -5.03
CA TYR A 351 -24.51 18.16 -4.48
C TYR A 351 -23.53 18.85 -5.42
N ASN A 352 -23.60 18.51 -6.70
CA ASN A 352 -22.72 19.10 -7.71
C ASN A 352 -22.96 20.58 -7.95
N GLU A 353 -24.23 20.98 -8.02
CA GLU A 353 -24.59 22.35 -8.38
C GLU A 353 -24.27 23.35 -7.27
N LEU A 354 -24.65 23.01 -6.04
CA LEU A 354 -24.51 23.94 -4.92
C LEU A 354 -23.06 24.18 -4.50
N LEU A 355 -22.20 23.20 -4.74
CA LEU A 355 -20.86 23.20 -4.14
C LEU A 355 -19.75 23.58 -5.11
N HIS A 356 -19.98 23.42 -6.41
CA HIS A 356 -18.93 23.64 -7.40
C HIS A 356 -18.37 25.06 -7.39
N PRO A 357 -19.23 26.09 -7.34
CA PRO A 357 -18.70 27.46 -7.31
C PRO A 357 -17.79 27.71 -6.10
N PHE A 358 -18.19 27.22 -4.95
CA PHE A 358 -17.40 27.37 -3.72
C PHE A 358 -16.07 26.63 -3.85
N VAL A 359 -16.11 25.43 -4.40
CA VAL A 359 -14.90 24.64 -4.62
C VAL A 359 -13.98 25.36 -5.60
N GLU A 360 -14.54 25.82 -6.71
CA GLU A 360 -13.78 26.50 -7.74
C GLU A 360 -13.16 27.79 -7.21
N ALA A 361 -13.86 28.45 -6.29
CA ALA A 361 -13.35 29.68 -5.68
C ALA A 361 -12.11 29.39 -4.84
N ASN A 362 -12.18 28.33 -4.05
CA ASN A 362 -11.09 27.98 -3.15
C ASN A 362 -9.91 27.36 -3.91
N GLN A 363 -10.20 26.67 -5.00
CA GLN A 363 -9.15 26.11 -5.84
C GLN A 363 -8.39 27.24 -6.53
N GLN A 364 -9.13 28.22 -7.05
CA GLN A 364 -8.50 29.34 -7.75
C GLN A 364 -7.63 30.16 -6.80
N PHE A 365 -8.00 30.20 -5.53
CA PHE A 365 -7.17 30.84 -4.53
C PHE A 365 -5.86 30.07 -4.39
N GLY A 366 -5.97 28.74 -4.41
CA GLY A 366 -4.82 27.88 -4.37
C GLY A 366 -3.92 28.10 -5.57
N VAL A 367 -4.54 28.24 -6.74
CA VAL A 367 -3.80 28.52 -7.97
C VAL A 367 -3.09 29.86 -7.86
N TRP A 368 -3.78 30.84 -7.30
CA TRP A 368 -3.21 32.17 -7.15
C TRP A 368 -1.96 32.14 -6.27
N VAL A 369 -2.03 31.42 -5.16
CA VAL A 369 -0.90 31.29 -4.25
C VAL A 369 0.30 30.68 -4.98
N SER A 370 0.05 29.65 -5.78
CA SER A 370 1.14 28.95 -6.47
C SER A 370 1.86 29.85 -7.47
N GLU A 371 1.16 30.87 -7.94
CA GLU A 371 1.68 31.73 -9.01
C GLU A 371 2.31 33.02 -8.48
N SER A 372 1.90 33.46 -7.29
CA SER A 372 2.21 34.80 -6.84
C SER A 372 2.77 34.91 -5.42
N PHE A 373 2.82 33.80 -4.68
CA PHE A 373 3.35 33.87 -3.31
C PHE A 373 4.84 34.19 -3.35
N LEU A 374 5.59 33.40 -4.11
CA LEU A 374 7.02 33.62 -4.28
C LEU A 374 7.27 34.80 -5.20
N LEU A 375 8.31 35.57 -4.91
CA LEU A 375 8.69 36.71 -5.74
C LEU A 375 9.68 36.30 -6.82
N LYS A 376 9.22 36.26 -8.06
CA LYS A 376 10.01 35.75 -9.17
C LYS A 376 11.28 36.55 -9.42
N ASP A 377 11.21 37.87 -9.25
CA ASP A 377 12.30 38.76 -9.65
C ASP A 377 12.96 39.50 -8.50
N ASP A 378 12.21 39.69 -7.41
CA ASP A 378 12.68 40.50 -6.28
C ASP A 378 12.95 39.66 -5.04
N GLU A 379 13.88 40.13 -4.21
CA GLU A 379 14.13 39.52 -2.92
C GLU A 379 13.11 40.03 -1.90
N VAL A 380 12.86 39.24 -0.86
CA VAL A 380 11.84 39.58 0.12
C VAL A 380 12.36 40.55 1.17
N SER A 381 11.43 41.26 1.78
CA SER A 381 11.76 42.24 2.82
C SER A 381 10.61 42.28 3.82
N LYS A 382 10.74 43.08 4.86
CA LYS A 382 9.67 43.21 5.85
C LYS A 382 8.38 43.69 5.20
N GLU A 383 8.48 44.80 4.46
CA GLU A 383 7.32 45.42 3.84
C GLU A 383 6.57 44.45 2.93
N ILE A 384 7.32 43.67 2.16
CA ILE A 384 6.72 42.70 1.25
C ILE A 384 6.04 41.57 2.03
N ALA A 385 6.78 40.97 2.97
CA ALA A 385 6.26 39.86 3.76
C ALA A 385 5.04 40.29 4.54
N GLU A 386 5.09 41.50 5.10
CA GLU A 386 3.99 42.02 5.89
C GLU A 386 2.76 42.30 5.01
N ALA A 387 2.99 42.93 3.86
CA ALA A 387 1.91 43.25 2.94
C ALA A 387 1.29 41.99 2.36
N ARG A 388 2.15 41.03 2.00
CA ARG A 388 1.69 39.75 1.46
C ARG A 388 0.87 38.99 2.48
N SER A 389 1.35 38.98 3.72
CA SER A 389 0.67 38.26 4.80
C SER A 389 -0.71 38.84 5.07
N ASN A 390 -0.79 40.16 5.20
CA ASN A 390 -2.05 40.83 5.45
C ASN A 390 -3.03 40.60 4.31
N LYS A 391 -2.51 40.59 3.09
CA LYS A 391 -3.33 40.36 1.90
C LYS A 391 -3.89 38.95 1.88
N ILE A 392 -3.04 37.96 2.16
CA ILE A 392 -3.48 36.58 2.19
C ILE A 392 -4.53 36.37 3.29
N LEU A 393 -4.29 36.96 4.45
CA LEU A 393 -5.24 36.87 5.55
C LEU A 393 -6.61 37.39 5.15
N ALA A 394 -6.62 38.50 4.41
CA ALA A 394 -7.87 39.14 4.00
C ALA A 394 -8.55 38.32 2.90
N MET A 395 -7.77 37.85 1.94
CA MET A 395 -8.31 37.10 0.82
C MET A 395 -8.80 35.72 1.24
N ILE A 396 -8.06 35.07 2.12
CA ILE A 396 -8.40 33.72 2.55
C ILE A 396 -9.70 33.76 3.35
N LYS A 397 -9.90 34.84 4.10
CA LYS A 397 -11.12 35.02 4.88
C LYS A 397 -12.31 35.22 3.95
N SER A 398 -12.06 35.87 2.81
CA SER A 398 -13.11 36.14 1.84
C SER A 398 -13.56 34.86 1.13
N VAL A 399 -12.61 34.08 0.65
CA VAL A 399 -12.95 32.90 -0.13
C VAL A 399 -13.50 31.78 0.74
N SER A 400 -12.99 31.66 1.97
CA SER A 400 -13.37 30.57 2.85
C SER A 400 -14.81 30.70 3.36
N ASN A 401 -15.37 31.90 3.22
CA ASN A 401 -16.74 32.17 3.63
C ASN A 401 -17.64 32.51 2.44
N SER A 402 -17.17 32.19 1.24
CA SER A 402 -17.87 32.60 0.02
C SER A 402 -18.98 31.62 -0.38
N ILE A 403 -19.68 31.07 0.62
CA ILE A 403 -20.86 30.27 0.36
C ILE A 403 -21.91 30.52 1.45
N ASN A 404 -23.17 30.56 1.04
CA ASN A 404 -24.28 30.65 1.97
C ASN A 404 -24.78 29.25 2.27
N LEU A 405 -24.36 28.70 3.40
CA LEU A 405 -24.61 27.30 3.72
C LEU A 405 -26.10 27.00 3.91
N PRO A 406 -26.61 25.94 3.25
CA PRO A 406 -28.00 25.57 3.51
C PRO A 406 -28.23 25.17 4.96
N GLN A 407 -29.49 25.20 5.39
CA GLN A 407 -29.87 24.74 6.72
C GLN A 407 -30.82 23.55 6.59
N TYR A 408 -30.28 22.35 6.73
CA TYR A 408 -31.04 21.13 6.48
C TYR A 408 -31.88 20.72 7.69
N GLU A 409 -31.75 21.47 8.78
CA GLU A 409 -32.52 21.21 9.99
C GLU A 409 -33.36 22.43 10.36
N ILE B 26 2.06 -10.16 -28.22
CA ILE B 26 3.38 -9.54 -28.17
C ILE B 26 3.52 -8.66 -26.94
N LYS B 27 2.66 -7.66 -26.81
CA LYS B 27 2.72 -6.73 -25.68
C LYS B 27 2.03 -7.32 -24.45
N ILE B 28 2.80 -7.60 -23.40
CA ILE B 28 2.30 -8.32 -22.24
C ILE B 28 2.64 -7.62 -20.92
N LEU B 29 1.65 -7.53 -20.04
CA LEU B 29 1.85 -6.98 -18.71
C LEU B 29 1.97 -8.10 -17.69
N VAL B 30 3.06 -8.09 -16.93
CA VAL B 30 3.28 -9.07 -15.86
C VAL B 30 3.20 -8.36 -14.51
N ILE B 31 2.27 -8.82 -13.67
CA ILE B 31 2.03 -8.19 -12.38
C ILE B 31 2.62 -9.00 -11.24
N GLY B 32 3.51 -8.38 -10.47
CA GLY B 32 4.11 -8.99 -9.30
C GLY B 32 5.55 -9.38 -9.53
N VAL B 33 6.44 -8.83 -8.71
CA VAL B 33 7.87 -9.18 -8.77
C VAL B 33 8.22 -10.08 -7.60
N GLY B 34 7.90 -11.36 -7.75
CA GLY B 34 8.27 -12.38 -6.79
C GLY B 34 9.13 -13.41 -7.47
N VAL B 35 8.64 -14.65 -7.51
CA VAL B 35 9.33 -15.72 -8.22
C VAL B 35 8.69 -15.95 -9.59
N ALA B 36 7.38 -16.16 -9.60
CA ALA B 36 6.66 -16.48 -10.83
C ALA B 36 6.71 -15.35 -11.86
N GLY B 37 6.60 -14.11 -11.38
CA GLY B 37 6.55 -12.95 -12.26
C GLY B 37 7.81 -12.76 -13.10
N PRO B 38 8.97 -12.61 -12.45
CA PRO B 38 10.23 -12.48 -13.17
C PRO B 38 10.55 -13.69 -14.03
N ALA B 39 10.10 -14.87 -13.60
CA ALA B 39 10.38 -16.11 -14.31
C ALA B 39 9.65 -16.17 -15.64
N VAL B 40 8.35 -15.89 -15.63
CA VAL B 40 7.56 -15.93 -16.87
C VAL B 40 7.96 -14.78 -17.77
N ALA B 41 8.39 -13.67 -17.16
CA ALA B 41 8.89 -12.52 -17.90
C ALA B 41 10.18 -12.87 -18.64
N TYR B 42 11.07 -13.62 -17.98
CA TYR B 42 12.30 -14.05 -18.61
C TYR B 42 12.01 -14.90 -19.85
N TRP B 43 11.14 -15.90 -19.68
CA TRP B 43 10.86 -16.85 -20.75
C TRP B 43 10.03 -16.22 -21.87
N LEU B 44 9.13 -15.32 -21.52
CA LEU B 44 8.35 -14.60 -22.52
C LEU B 44 9.27 -13.76 -23.39
N LYS B 45 10.19 -13.05 -22.75
CA LYS B 45 11.18 -12.24 -23.45
C LYS B 45 12.08 -13.12 -24.31
N ARG B 46 12.52 -14.24 -23.74
CA ARG B 46 13.41 -15.16 -24.43
C ARG B 46 12.75 -15.75 -25.68
N PHE B 47 11.44 -15.97 -25.61
CA PHE B 47 10.70 -16.55 -26.73
C PHE B 47 10.16 -15.47 -27.68
N GLY B 48 10.69 -14.26 -27.56
CA GLY B 48 10.45 -13.22 -28.54
C GLY B 48 9.41 -12.17 -28.17
N PHE B 49 8.63 -12.43 -27.12
CA PHE B 49 7.60 -11.49 -26.71
C PHE B 49 8.20 -10.26 -26.04
N SER B 50 7.35 -9.29 -25.73
CA SER B 50 7.78 -8.04 -25.10
C SER B 50 7.03 -7.79 -23.80
N PRO B 51 7.41 -8.50 -22.74
CA PRO B 51 6.77 -8.33 -21.44
C PRO B 51 7.25 -7.09 -20.69
N VAL B 52 6.42 -6.58 -19.79
CA VAL B 52 6.83 -5.54 -18.86
C VAL B 52 6.33 -5.90 -17.46
N LEU B 53 7.10 -5.50 -16.44
CA LEU B 53 6.81 -5.86 -15.06
C LEU B 53 6.34 -4.66 -14.24
N ILE B 54 5.50 -4.94 -13.24
CA ILE B 54 5.16 -3.92 -12.25
C ILE B 54 5.12 -4.56 -10.86
N GLU B 55 5.33 -3.73 -9.84
CA GLU B 55 5.40 -4.17 -8.46
C GLU B 55 4.73 -3.16 -7.55
N LYS B 56 3.91 -3.65 -6.62
CA LYS B 56 3.20 -2.78 -5.69
C LYS B 56 4.16 -2.17 -4.67
N SER B 57 5.08 -2.97 -4.16
CA SER B 57 6.01 -2.50 -3.14
C SER B 57 7.05 -1.56 -3.73
N ALA B 58 7.72 -0.81 -2.87
CA ALA B 58 8.72 0.17 -3.29
C ALA B 58 9.93 -0.50 -3.93
N ALA B 59 10.26 -1.69 -3.47
CA ALA B 59 11.40 -2.43 -3.99
C ALA B 59 11.23 -3.92 -3.77
N VAL B 60 12.20 -4.69 -4.24
CA VAL B 60 12.18 -6.15 -4.10
C VAL B 60 12.06 -6.56 -2.63
N ARG B 61 11.09 -7.42 -2.34
CA ARG B 61 10.89 -7.93 -1.00
C ARG B 61 11.82 -9.12 -0.74
N LYS B 62 12.88 -8.89 0.02
CA LYS B 62 13.89 -9.91 0.27
C LYS B 62 13.50 -10.86 1.39
N GLY B 63 12.42 -10.54 2.09
CA GLY B 63 11.94 -11.37 3.17
C GLY B 63 11.57 -12.76 2.70
N GLY B 64 11.54 -13.72 3.62
CA GLY B 64 11.14 -15.08 3.31
C GLY B 64 12.09 -16.12 3.86
N GLN B 65 11.56 -17.29 4.14
CA GLN B 65 12.36 -18.41 4.63
C GLN B 65 13.18 -19.01 3.48
N ALA B 66 13.93 -20.06 3.77
CA ALA B 66 14.69 -20.74 2.74
C ALA B 66 13.75 -21.48 1.79
N LEU B 67 13.97 -21.31 0.48
CA LEU B 67 13.22 -22.03 -0.54
C LEU B 67 14.01 -23.22 -1.07
N ASP B 68 13.29 -24.27 -1.44
CA ASP B 68 13.90 -25.46 -2.01
C ASP B 68 13.59 -25.57 -3.50
N ILE B 69 14.63 -25.59 -4.32
CA ILE B 69 14.48 -25.81 -5.74
C ILE B 69 14.67 -27.30 -6.04
N ARG B 70 13.55 -28.00 -6.27
CA ARG B 70 13.55 -29.45 -6.40
C ARG B 70 13.15 -29.92 -7.80
N GLY B 71 13.58 -31.13 -8.13
CA GLY B 71 13.12 -31.82 -9.32
C GLY B 71 13.27 -31.06 -10.63
N ILE B 72 12.18 -31.03 -11.39
CA ILE B 72 12.20 -30.44 -12.72
C ILE B 72 12.52 -28.95 -12.71
N ALA B 73 12.29 -28.30 -11.56
CA ALA B 73 12.57 -26.88 -11.44
C ALA B 73 14.07 -26.57 -11.54
N THR B 74 14.90 -27.54 -11.15
CA THR B 74 16.35 -27.36 -11.25
C THR B 74 16.76 -27.26 -12.71
N HIS B 75 16.14 -28.09 -13.54
CA HIS B 75 16.41 -28.07 -14.98
C HIS B 75 16.03 -26.72 -15.59
N ILE B 76 14.88 -26.20 -15.18
CA ILE B 76 14.43 -24.90 -15.66
C ILE B 76 15.41 -23.81 -15.24
N ALA B 77 15.86 -23.87 -14.00
CA ALA B 77 16.82 -22.90 -13.48
C ALA B 77 18.12 -22.93 -14.26
N LYS B 78 18.59 -24.14 -14.58
CA LYS B 78 19.80 -24.29 -15.38
C LYS B 78 19.60 -23.69 -16.77
N GLU B 79 18.44 -23.99 -17.37
CA GLU B 79 18.11 -23.47 -18.69
C GLU B 79 18.05 -21.94 -18.71
N MET B 80 17.70 -21.36 -17.56
CA MET B 80 17.65 -19.91 -17.44
C MET B 80 19.06 -19.34 -17.23
N GLY B 81 20.02 -20.21 -16.95
CA GLY B 81 21.39 -19.80 -16.77
C GLY B 81 21.63 -19.14 -15.43
N ILE B 82 20.81 -19.50 -14.44
CA ILE B 82 20.91 -18.91 -13.10
C ILE B 82 21.26 -19.94 -12.04
N TYR B 83 21.49 -21.19 -12.47
CA TYR B 83 21.71 -22.27 -11.52
C TYR B 83 23.05 -22.14 -10.78
N ASP B 84 24.09 -21.71 -11.49
CA ASP B 84 25.40 -21.55 -10.88
C ASP B 84 25.39 -20.50 -9.77
N GLN B 85 24.68 -19.41 -9.99
CA GLN B 85 24.64 -18.32 -9.03
C GLN B 85 23.76 -18.70 -7.84
N ILE B 86 22.72 -19.50 -8.09
CA ILE B 86 21.89 -20.02 -7.01
C ILE B 86 22.74 -20.88 -6.09
N CYS B 87 23.60 -21.70 -6.66
CA CYS B 87 24.48 -22.57 -5.88
C CYS B 87 25.47 -21.76 -5.07
N ASN B 88 25.91 -20.62 -5.62
CA ASN B 88 26.81 -19.72 -4.90
C ASN B 88 26.12 -19.14 -3.68
N MET B 89 24.82 -18.92 -3.80
CA MET B 89 24.02 -18.34 -2.72
C MET B 89 23.23 -19.39 -1.96
N ARG B 90 23.65 -20.65 -2.07
CA ARG B 90 22.94 -21.74 -1.40
C ARG B 90 23.17 -21.67 0.10
N THR B 91 22.17 -22.06 0.87
CA THR B 91 22.29 -22.10 2.32
C THR B 91 23.35 -23.11 2.71
N GLN B 92 23.92 -22.93 3.90
CA GLN B 92 25.01 -23.77 4.37
C GLN B 92 24.73 -24.33 5.75
N ILE B 93 23.47 -24.66 6.02
CA ILE B 93 23.12 -25.32 7.27
C ILE B 93 23.79 -26.69 7.31
N LYS B 94 24.65 -26.89 8.30
CA LYS B 94 25.42 -28.12 8.41
C LYS B 94 24.63 -29.22 9.10
N CYS B 95 23.75 -28.82 10.02
CA CYS B 95 23.09 -29.77 10.90
C CYS B 95 21.67 -29.34 11.28
N GLY B 96 20.82 -30.32 11.55
CA GLY B 96 19.46 -30.08 12.01
C GLY B 96 19.16 -30.92 13.23
N ARG B 97 18.87 -30.25 14.34
CA ARG B 97 18.64 -30.93 15.63
C ARG B 97 17.18 -30.87 16.07
N TYR B 98 16.57 -32.03 16.22
CA TYR B 98 15.23 -32.14 16.77
C TYR B 98 15.28 -32.27 18.30
N VAL B 99 14.58 -31.38 18.99
CA VAL B 99 14.56 -31.36 20.45
C VAL B 99 13.13 -31.44 20.98
N ASP B 100 12.98 -31.93 22.20
CA ASP B 100 11.69 -31.92 22.87
C ASP B 100 11.49 -30.56 23.54
N VAL B 101 10.33 -30.38 24.18
CA VAL B 101 9.99 -29.09 24.77
C VAL B 101 10.93 -28.70 25.91
N LYS B 102 11.63 -29.68 26.47
CA LYS B 102 12.54 -29.44 27.60
C LYS B 102 13.97 -29.17 27.14
N GLY B 103 14.26 -29.48 25.88
CA GLY B 103 15.54 -29.16 25.28
C GLY B 103 16.40 -30.37 24.96
N ASN B 104 16.02 -31.54 25.47
CA ASN B 104 16.77 -32.76 25.19
C ASN B 104 16.80 -33.05 23.69
N VAL B 105 17.98 -33.40 23.18
CA VAL B 105 18.13 -33.73 21.77
C VAL B 105 17.52 -35.11 21.51
N LEU B 106 16.53 -35.15 20.64
CA LEU B 106 15.87 -36.42 20.29
C LEU B 106 16.64 -37.12 19.19
N HIS B 107 16.90 -36.41 18.10
CA HIS B 107 17.73 -36.93 17.03
C HIS B 107 18.34 -35.78 16.22
N GLU B 108 19.34 -36.12 15.41
CA GLU B 108 20.09 -35.13 14.65
C GLU B 108 20.27 -35.59 13.22
N GLU B 109 19.79 -34.77 12.29
CA GLU B 109 19.86 -35.08 10.87
C GLU B 109 20.91 -34.21 10.18
N GLN B 110 21.51 -34.74 9.12
CA GLN B 110 22.55 -34.03 8.40
C GLN B 110 21.94 -32.94 7.52
N GLY B 111 22.61 -31.80 7.46
CA GLY B 111 22.15 -30.70 6.62
C GLY B 111 22.26 -31.05 5.15
N GLU B 112 21.73 -30.19 4.29
CA GLU B 112 21.79 -30.41 2.85
C GLU B 112 23.21 -30.15 2.33
N THR B 113 24.18 -30.87 2.89
CA THR B 113 25.57 -30.72 2.49
C THR B 113 25.92 -31.69 1.39
N PHE B 114 27.18 -31.66 0.95
CA PHE B 114 27.65 -32.51 -0.13
C PHE B 114 27.52 -33.98 0.22
N GLY B 115 26.74 -34.71 -0.57
CA GLY B 115 26.53 -36.14 -0.36
C GLY B 115 25.19 -36.47 0.27
N PHE B 116 24.54 -35.45 0.83
CA PHE B 116 23.27 -35.64 1.53
C PHE B 116 22.15 -34.86 0.86
N ARG B 117 22.20 -34.78 -0.46
CA ARG B 117 21.13 -34.13 -1.20
C ARG B 117 20.55 -35.02 -2.29
N GLN B 118 19.32 -34.69 -2.71
CA GLN B 118 18.70 -35.35 -3.84
C GLN B 118 19.14 -34.75 -5.17
N ASP B 119 20.08 -35.45 -5.81
CA ASP B 119 20.60 -35.08 -7.10
C ASP B 119 21.19 -33.65 -7.09
N ASP B 120 20.58 -32.74 -7.85
CA ASP B 120 21.12 -31.39 -8.02
C ASP B 120 20.25 -30.33 -7.35
N GLU B 121 19.48 -30.73 -6.35
CA GLU B 121 18.57 -29.81 -5.66
C GLU B 121 19.33 -28.88 -4.72
N VAL B 122 18.80 -27.68 -4.53
CA VAL B 122 19.50 -26.65 -3.77
C VAL B 122 18.53 -25.82 -2.94
N GLU B 123 18.97 -25.44 -1.75
CA GLU B 123 18.22 -24.55 -0.87
C GLU B 123 18.81 -23.15 -0.91
N ILE B 124 17.95 -22.15 -1.00
CA ILE B 124 18.37 -20.76 -1.08
C ILE B 124 17.32 -19.86 -0.43
N LEU B 125 17.78 -18.80 0.24
CA LEU B 125 16.88 -17.82 0.82
C LEU B 125 16.06 -17.18 -0.29
N ARG B 126 14.77 -16.97 -0.02
CA ARG B 126 13.85 -16.44 -1.02
C ARG B 126 14.35 -15.12 -1.61
N GLY B 127 14.81 -14.23 -0.76
CA GLY B 127 15.28 -12.92 -1.19
C GLY B 127 16.46 -13.01 -2.14
N ASP B 128 17.36 -13.95 -1.89
CA ASP B 128 18.52 -14.14 -2.73
C ASP B 128 18.11 -14.63 -4.12
N LEU B 129 17.10 -15.50 -4.15
CA LEU B 129 16.62 -16.06 -5.42
C LEU B 129 16.00 -14.99 -6.29
N VAL B 130 15.19 -14.12 -5.70
CA VAL B 130 14.52 -13.05 -6.44
C VAL B 130 15.55 -12.10 -7.02
N GLU B 131 16.60 -11.82 -6.26
CA GLU B 131 17.66 -10.93 -6.72
C GLU B 131 18.33 -11.52 -7.96
N ILE B 132 18.57 -12.84 -7.93
CA ILE B 132 19.19 -13.53 -9.05
C ILE B 132 18.27 -13.49 -10.27
N LEU B 133 16.98 -13.68 -10.04
CA LEU B 133 16.00 -13.63 -11.11
C LEU B 133 15.95 -12.24 -11.76
N MET B 134 15.95 -11.20 -10.94
CA MET B 134 15.87 -9.83 -11.44
C MET B 134 17.11 -9.46 -12.24
N LYS B 135 18.26 -9.98 -11.84
CA LYS B 135 19.51 -9.73 -12.58
C LYS B 135 19.43 -10.38 -13.95
N ALA B 136 18.67 -11.47 -14.05
CA ALA B 136 18.54 -12.23 -15.29
C ALA B 136 17.58 -11.54 -16.26
N ILE B 137 16.77 -10.62 -15.75
CA ILE B 137 15.84 -9.85 -16.59
C ILE B 137 16.09 -8.36 -16.44
N ALA B 138 17.36 -7.98 -16.33
CA ALA B 138 17.74 -6.57 -16.21
C ALA B 138 17.31 -5.78 -17.44
N ASP B 139 17.08 -6.48 -18.55
CA ASP B 139 16.70 -5.85 -19.80
C ASP B 139 15.20 -5.58 -19.90
N ILE B 140 14.42 -6.21 -19.02
CA ILE B 140 12.96 -6.05 -19.04
C ILE B 140 12.54 -4.86 -18.18
N PRO B 141 11.66 -3.99 -18.71
CA PRO B 141 11.19 -2.85 -17.91
C PRO B 141 10.45 -3.30 -16.66
N CYS B 142 10.73 -2.64 -15.53
CA CYS B 142 10.08 -2.96 -14.27
C CYS B 142 9.82 -1.70 -13.45
N GLU B 143 8.53 -1.42 -13.24
CA GLU B 143 8.11 -0.22 -12.50
C GLU B 143 7.62 -0.59 -11.10
N PHE B 144 8.28 -0.05 -10.09
CA PHE B 144 7.89 -0.29 -8.71
C PHE B 144 6.89 0.76 -8.22
N LYS B 145 6.30 0.51 -7.05
CA LYS B 145 5.25 1.36 -6.50
C LYS B 145 4.16 1.58 -7.54
N GLN B 146 3.68 0.48 -8.11
CA GLN B 146 2.68 0.52 -9.17
C GLN B 146 1.70 -0.64 -9.03
N SER B 147 0.42 -0.36 -9.23
CA SER B 147 -0.62 -1.37 -9.13
C SER B 147 -1.79 -1.05 -10.06
N VAL B 148 -2.55 -2.09 -10.39
CA VAL B 148 -3.73 -1.95 -11.23
C VAL B 148 -4.98 -1.84 -10.37
N ILE B 149 -5.79 -0.82 -10.64
CA ILE B 149 -7.03 -0.61 -9.89
C ILE B 149 -8.25 -1.01 -10.69
N LYS B 150 -8.07 -1.25 -11.99
CA LYS B 150 -9.18 -1.66 -12.85
C LYS B 150 -8.70 -2.38 -14.09
N ILE B 151 -9.38 -3.47 -14.43
CA ILE B 151 -9.08 -4.26 -15.62
C ILE B 151 -10.34 -4.51 -16.43
N GLU B 152 -10.26 -4.20 -17.72
CA GLU B 152 -11.36 -4.43 -18.63
C GLU B 152 -10.80 -4.95 -19.95
N GLN B 153 -11.49 -5.91 -20.55
CA GLN B 153 -10.98 -6.56 -21.75
C GLN B 153 -12.06 -6.82 -22.79
N ASN B 154 -11.66 -6.75 -24.06
CA ASN B 154 -12.49 -7.18 -25.18
C ASN B 154 -11.69 -8.17 -26.02
N GLU B 155 -12.26 -8.59 -27.14
CA GLU B 155 -11.65 -9.64 -27.94
C GLU B 155 -10.31 -9.23 -28.55
N ASP B 156 -10.02 -7.93 -28.56
CA ASP B 156 -8.84 -7.40 -29.22
C ASP B 156 -7.75 -6.92 -28.25
N SER B 157 -8.14 -6.56 -27.02
CA SER B 157 -7.21 -5.92 -26.11
C SER B 157 -7.63 -5.98 -24.65
N VAL B 158 -6.68 -5.76 -23.76
CA VAL B 158 -6.95 -5.59 -22.34
C VAL B 158 -6.56 -4.18 -21.92
N THR B 159 -7.55 -3.42 -21.47
CA THR B 159 -7.32 -2.05 -21.02
C THR B 159 -7.07 -2.04 -19.52
N VAL B 160 -5.87 -1.59 -19.13
CA VAL B 160 -5.45 -1.54 -17.75
C VAL B 160 -5.44 -0.10 -17.24
N THR B 161 -5.96 0.12 -16.04
CA THR B 161 -5.92 1.42 -15.38
C THR B 161 -5.10 1.32 -14.10
N TYR B 162 -4.00 2.08 -14.04
CA TYR B 162 -3.14 2.09 -12.87
C TYR B 162 -3.73 2.99 -11.78
N LYS B 163 -3.10 2.97 -10.61
CA LYS B 163 -3.60 3.71 -9.45
C LYS B 163 -3.64 5.22 -9.70
N ASP B 164 -2.60 5.74 -10.35
CA ASP B 164 -2.47 7.18 -10.56
C ASP B 164 -3.48 7.71 -11.58
N GLY B 165 -4.15 6.79 -12.28
CA GLY B 165 -5.17 7.15 -13.25
C GLY B 165 -4.78 6.79 -14.67
N ARG B 166 -3.47 6.68 -14.92
CA ARG B 166 -2.98 6.38 -16.26
C ARG B 166 -3.59 5.09 -16.81
N VAL B 167 -4.00 5.15 -18.07
CA VAL B 167 -4.59 4.00 -18.75
C VAL B 167 -3.65 3.51 -19.85
N GLU B 168 -3.59 2.20 -20.03
CA GLU B 168 -2.72 1.62 -21.04
C GLU B 168 -3.25 0.26 -21.48
N ASN B 169 -3.05 -0.05 -22.76
CA ASN B 169 -3.54 -1.29 -23.35
C ASN B 169 -2.45 -2.34 -23.54
N TYR B 170 -2.82 -3.60 -23.35
CA TYR B 170 -1.92 -4.73 -23.56
C TYR B 170 -2.64 -5.84 -24.30
N ASP B 171 -1.89 -6.66 -25.02
CA ASP B 171 -2.45 -7.83 -25.68
C ASP B 171 -2.83 -8.87 -24.64
N LEU B 172 -1.98 -9.01 -23.63
CA LEU B 172 -2.19 -9.99 -22.57
C LEU B 172 -1.77 -9.44 -21.21
N VAL B 173 -2.40 -9.95 -20.16
CA VAL B 173 -2.02 -9.63 -18.78
C VAL B 173 -1.81 -10.94 -18.02
N ILE B 174 -0.62 -11.09 -17.42
CA ILE B 174 -0.31 -12.28 -16.64
C ILE B 174 0.00 -11.90 -15.20
N ALA B 175 -0.90 -12.26 -14.30
CA ALA B 175 -0.79 -11.85 -12.90
C ALA B 175 -0.03 -12.86 -12.05
N ALA B 176 1.06 -12.41 -11.45
CA ALA B 176 1.85 -13.22 -10.53
C ALA B 176 1.92 -12.51 -9.18
N ASP B 177 0.76 -12.03 -8.72
CA ASP B 177 0.71 -11.14 -7.56
C ASP B 177 0.35 -11.87 -6.27
N GLY B 178 0.75 -13.13 -6.17
CA GLY B 178 0.71 -13.84 -4.90
C GLY B 178 -0.61 -14.46 -4.54
N ILE B 179 -0.64 -15.16 -3.42
CA ILE B 179 -1.82 -15.91 -3.00
C ILE B 179 -3.04 -15.03 -2.74
N HIS B 180 -2.80 -13.79 -2.30
CA HIS B 180 -3.88 -12.86 -2.04
C HIS B 180 -4.12 -11.99 -3.27
N SER B 181 -4.00 -12.61 -4.44
CA SER B 181 -4.10 -11.93 -5.73
C SER B 181 -5.33 -11.04 -5.85
N ALA B 182 -5.09 -9.74 -6.00
CA ALA B 182 -6.17 -8.80 -6.25
C ALA B 182 -6.71 -9.00 -7.66
N THR B 183 -5.80 -9.32 -8.58
CA THR B 183 -6.16 -9.54 -9.97
C THR B 183 -7.17 -10.68 -10.10
N ARG B 184 -6.94 -11.76 -9.34
CA ARG B 184 -7.86 -12.89 -9.31
C ARG B 184 -9.25 -12.44 -8.89
N GLY B 185 -9.32 -11.64 -7.83
CA GLY B 185 -10.59 -11.16 -7.32
C GLY B 185 -11.28 -10.21 -8.29
N MET B 186 -10.48 -9.52 -9.10
CA MET B 186 -10.99 -8.53 -10.04
C MET B 186 -11.55 -9.18 -11.30
N VAL B 187 -10.94 -10.28 -11.72
CA VAL B 187 -11.23 -10.91 -13.00
C VAL B 187 -12.17 -12.10 -12.86
N PHE B 188 -11.97 -12.89 -11.81
CA PHE B 188 -12.75 -14.11 -11.60
C PHE B 188 -13.81 -13.93 -10.51
N SER B 189 -14.91 -14.65 -10.64
CA SER B 189 -15.96 -14.64 -9.63
C SER B 189 -15.71 -15.73 -8.60
N LYS B 190 -16.40 -15.65 -7.46
CA LYS B 190 -16.20 -16.61 -6.38
C LYS B 190 -16.51 -18.04 -6.81
N ASN B 191 -17.31 -18.18 -7.86
CA ASN B 191 -17.67 -19.49 -8.38
C ASN B 191 -16.55 -20.15 -9.17
N GLU B 192 -15.52 -19.37 -9.50
CA GLU B 192 -14.49 -19.82 -10.43
C GLU B 192 -13.17 -20.17 -9.73
N TYR B 193 -13.12 -19.98 -8.42
CA TYR B 193 -11.97 -20.42 -7.65
C TYR B 193 -12.37 -20.77 -6.23
N GLN B 194 -11.50 -21.49 -5.53
CA GLN B 194 -11.78 -21.98 -4.19
C GLN B 194 -10.55 -21.82 -3.29
N LEU B 195 -10.72 -21.07 -2.21
CA LEU B 195 -9.66 -20.87 -1.24
C LEU B 195 -9.73 -21.95 -0.16
N ILE B 196 -8.84 -22.93 -0.26
CA ILE B 196 -8.84 -24.06 0.67
C ILE B 196 -7.88 -23.82 1.83
N ASN B 197 -8.43 -23.74 3.04
CA ASN B 197 -7.62 -23.53 4.24
C ASN B 197 -7.26 -24.86 4.89
N LEU B 198 -5.97 -25.09 5.09
CA LEU B 198 -5.50 -26.34 5.69
C LEU B 198 -5.54 -26.28 7.22
N GLY B 199 -6.12 -25.21 7.75
CA GLY B 199 -6.30 -25.08 9.18
C GLY B 199 -5.00 -24.87 9.93
N SER B 200 -4.13 -24.02 9.39
CA SER B 200 -2.85 -23.74 10.02
C SER B 200 -2.31 -22.37 9.61
N TYR B 201 -1.34 -21.89 10.38
CA TYR B 201 -0.68 -20.62 10.11
C TYR B 201 0.83 -20.81 10.09
N VAL B 202 1.52 -19.94 9.35
CA VAL B 202 2.97 -19.94 9.30
C VAL B 202 3.47 -18.54 9.64
N SER B 203 4.64 -18.47 10.27
CA SER B 203 5.22 -17.18 10.61
C SER B 203 6.74 -17.29 10.75
N ALA B 204 7.43 -16.21 10.40
CA ALA B 204 8.87 -16.17 10.46
C ALA B 204 9.39 -14.75 10.66
N PHE B 205 10.51 -14.63 11.36
CA PHE B 205 11.16 -13.35 11.56
C PHE B 205 12.57 -13.56 12.10
N THR B 206 13.44 -12.58 11.86
CA THR B 206 14.84 -12.68 12.27
C THR B 206 15.05 -12.02 13.63
N ILE B 207 15.92 -12.62 14.43
CA ILE B 207 16.28 -12.11 15.74
C ILE B 207 17.79 -12.25 15.95
N PRO B 208 18.31 -11.59 16.99
CA PRO B 208 19.72 -11.82 17.36
C PRO B 208 19.98 -13.28 17.74
N ASN B 209 21.16 -13.78 17.37
CA ASN B 209 21.51 -15.16 17.61
C ASN B 209 21.95 -15.42 19.06
N TYR B 210 21.01 -15.32 19.98
CA TYR B 210 21.32 -15.35 21.41
C TYR B 210 21.80 -16.72 21.90
N LEU B 211 21.43 -17.78 21.19
CA LEU B 211 21.92 -19.11 21.53
C LEU B 211 23.29 -19.39 20.92
N GLY B 212 23.73 -18.51 20.03
CA GLY B 212 25.01 -18.67 19.38
C GLY B 212 25.07 -19.89 18.48
N LEU B 213 24.00 -20.10 17.71
CA LEU B 213 23.96 -21.21 16.76
C LEU B 213 24.95 -20.97 15.63
N ASP B 214 25.55 -22.06 15.15
CA ASP B 214 26.59 -21.99 14.12
C ASP B 214 26.25 -22.91 12.95
N HIS B 215 25.58 -22.34 11.94
CA HIS B 215 25.16 -23.11 10.77
C HIS B 215 24.39 -24.35 11.20
N MET B 216 23.39 -24.12 12.06
CA MET B 216 22.58 -25.20 12.62
C MET B 216 21.14 -24.76 12.75
N GLU B 217 20.22 -25.71 12.60
CA GLU B 217 18.79 -25.46 12.80
C GLU B 217 18.26 -26.32 13.93
N LEU B 218 17.57 -25.68 14.87
CA LEU B 218 16.90 -26.39 15.95
C LEU B 218 15.41 -26.51 15.60
N LEU B 219 14.84 -27.69 15.82
CA LEU B 219 13.43 -27.93 15.54
C LEU B 219 12.74 -28.57 16.74
N CYS B 220 11.57 -28.05 17.09
CA CYS B 220 10.79 -28.57 18.20
C CYS B 220 9.32 -28.64 17.83
N GLU B 221 8.78 -29.85 17.79
CA GLU B 221 7.37 -30.07 17.48
C GLU B 221 6.63 -30.55 18.73
N SER B 222 5.46 -29.97 18.97
CA SER B 222 4.66 -30.32 20.14
C SER B 222 3.25 -29.78 20.04
N ASN B 223 2.27 -30.68 20.23
CA ASN B 223 0.87 -30.30 20.29
C ASN B 223 0.41 -29.55 19.05
N HIS B 224 0.65 -30.14 17.88
CA HIS B 224 0.22 -29.59 16.60
C HIS B 224 0.83 -28.21 16.36
N LYS B 225 2.02 -27.97 16.91
CA LYS B 225 2.77 -26.75 16.67
C LYS B 225 4.23 -27.08 16.39
N LEU B 226 4.87 -26.25 15.58
CA LEU B 226 6.28 -26.43 15.23
C LEU B 226 7.02 -25.09 15.33
N VAL B 227 8.14 -25.11 16.05
CA VAL B 227 9.00 -23.94 16.16
C VAL B 227 10.39 -24.29 15.62
N THR B 228 10.97 -23.39 14.84
CA THR B 228 12.32 -23.58 14.32
C THR B 228 13.18 -22.36 14.57
N LEU B 229 14.46 -22.58 14.78
CA LEU B 229 15.42 -21.50 15.00
C LEU B 229 16.76 -21.91 14.40
N GLN B 230 17.28 -21.08 13.50
CA GLN B 230 18.54 -21.38 12.82
C GLN B 230 19.36 -20.13 12.57
N SER B 231 20.69 -20.31 12.56
CA SER B 231 21.62 -19.28 12.12
C SER B 231 22.48 -19.86 11.00
N ASP B 232 22.81 -19.04 10.00
CA ASP B 232 23.57 -19.51 8.85
C ASP B 232 24.58 -18.46 8.38
N SER B 233 24.22 -17.70 7.35
CA SER B 233 25.16 -16.78 6.71
C SER B 233 25.55 -15.60 7.61
N GLN B 234 24.72 -15.32 8.61
CA GLN B 234 24.97 -14.22 9.54
C GLN B 234 25.06 -14.73 10.97
N ALA B 235 26.27 -14.77 11.49
CA ALA B 235 26.55 -15.34 12.81
C ALA B 235 25.82 -14.61 13.93
N ASP B 236 25.55 -13.33 13.72
CA ASP B 236 24.90 -12.52 14.76
C ASP B 236 23.39 -12.58 14.67
N LYS B 237 22.87 -13.32 13.69
CA LYS B 237 21.42 -13.38 13.46
C LYS B 237 20.89 -14.80 13.41
N ALA B 238 19.67 -14.97 13.91
CA ALA B 238 18.97 -16.24 13.86
C ALA B 238 17.58 -16.03 13.29
N MET B 239 17.16 -16.94 12.42
CA MET B 239 15.85 -16.87 11.79
C MET B 239 14.86 -17.79 12.49
N ALA B 240 13.80 -17.20 13.04
CA ALA B 240 12.78 -17.95 13.74
C ALA B 240 11.67 -18.37 12.78
N GLY B 241 11.10 -19.55 13.02
CA GLY B 241 10.00 -20.04 12.22
C GLY B 241 8.93 -20.65 13.09
N PHE B 242 7.67 -20.43 12.73
CA PHE B 242 6.54 -20.95 13.49
C PHE B 242 5.50 -21.56 12.55
N MET B 243 4.96 -22.71 12.96
CA MET B 243 3.80 -23.30 12.30
C MET B 243 2.90 -23.88 13.37
N PHE B 244 1.60 -23.66 13.26
CA PHE B 244 0.68 -24.12 14.28
C PHE B 244 -0.76 -24.26 13.77
N ARG B 245 -1.40 -25.34 14.21
CA ARG B 245 -2.81 -25.57 13.96
C ARG B 245 -3.64 -24.51 14.66
N SER B 246 -4.68 -24.02 13.99
CA SER B 246 -5.57 -23.04 14.59
C SER B 246 -6.87 -22.89 13.81
N LYS B 247 -7.91 -23.61 14.25
CA LYS B 247 -9.24 -23.47 13.68
C LYS B 247 -9.26 -23.68 12.17
N ASP B 255 -3.46 -7.17 9.45
CA ASP B 255 -2.86 -6.28 10.43
C ASP B 255 -1.65 -6.94 11.09
N GLU B 256 -0.45 -6.52 10.71
CA GLU B 256 0.78 -7.13 11.20
C GLU B 256 0.88 -7.08 12.72
N GLN B 257 0.40 -6.00 13.33
CA GLN B 257 0.47 -5.86 14.77
C GLN B 257 -0.44 -6.88 15.45
N GLU B 258 -1.55 -7.20 14.78
CA GLU B 258 -2.50 -8.18 15.29
C GLU B 258 -1.96 -9.60 15.08
N GLN B 259 -1.22 -9.78 14.00
CA GLN B 259 -0.60 -11.06 13.70
C GLN B 259 0.40 -11.44 14.78
N LYS B 260 1.15 -10.45 15.26
CA LYS B 260 2.18 -10.67 16.26
C LYS B 260 1.56 -11.04 17.60
N HIS B 261 0.50 -10.34 17.98
CA HIS B 261 -0.19 -10.62 19.23
C HIS B 261 -0.80 -12.02 19.19
N PHE B 262 -1.36 -12.37 18.04
CA PHE B 262 -1.97 -13.68 17.85
C PHE B 262 -0.92 -14.78 17.94
N LEU B 263 0.23 -14.57 17.31
CA LEU B 263 1.32 -15.54 17.34
C LEU B 263 1.86 -15.69 18.76
N HIS B 264 2.06 -14.56 19.42
CA HIS B 264 2.55 -14.53 20.80
C HIS B 264 1.63 -15.32 21.73
N ALA B 265 0.33 -15.08 21.60
CA ALA B 265 -0.65 -15.73 22.46
C ALA B 265 -0.81 -17.21 22.12
N SER B 266 -0.60 -17.55 20.85
CA SER B 266 -0.81 -18.91 20.38
C SER B 266 0.26 -19.87 20.89
N PHE B 267 1.43 -19.34 21.22
CA PHE B 267 2.56 -20.18 21.62
C PHE B 267 2.86 -20.08 23.12
N GLN B 268 1.92 -19.51 23.87
CA GLN B 268 1.95 -19.65 25.32
C GLN B 268 1.80 -21.14 25.60
N ASN B 269 2.51 -21.64 26.61
CA ASN B 269 2.44 -23.04 27.02
C ASN B 269 3.12 -24.00 26.03
N PHE B 270 3.81 -23.46 25.03
CA PHE B 270 4.57 -24.32 24.12
C PHE B 270 5.81 -24.86 24.84
N GLY B 271 6.51 -23.96 25.55
CA GLY B 271 7.70 -24.32 26.28
C GLY B 271 8.97 -24.08 25.48
N TRP B 272 10.03 -24.78 25.84
CA TRP B 272 11.32 -24.68 25.15
C TRP B 272 11.77 -23.21 25.11
N GLU B 273 12.06 -22.67 23.94
CA GLU B 273 12.70 -21.37 23.79
C GLU B 273 11.74 -20.28 23.30
N THR B 274 10.45 -20.61 23.21
CA THR B 274 9.48 -19.71 22.59
C THR B 274 9.40 -18.35 23.26
N GLN B 275 9.50 -18.32 24.60
CA GLN B 275 9.46 -17.06 25.33
C GLN B 275 10.60 -16.15 24.91
N ASN B 276 11.81 -16.72 24.87
CA ASN B 276 13.00 -15.96 24.49
C ASN B 276 12.93 -15.48 23.05
N ILE B 277 12.40 -16.30 22.17
CA ILE B 277 12.27 -15.94 20.76
C ILE B 277 11.20 -14.86 20.57
N LEU B 278 10.05 -15.05 21.20
CA LEU B 278 8.94 -14.13 21.05
C LEU B 278 9.24 -12.77 21.69
N ASN B 279 10.09 -12.75 22.71
CA ASN B 279 10.49 -11.50 23.35
C ASN B 279 11.24 -10.58 22.40
N ARG B 280 11.86 -11.18 21.39
CA ARG B 280 12.66 -10.44 20.42
C ARG B 280 11.88 -10.20 19.12
N MET B 281 10.60 -10.59 19.13
CA MET B 281 9.76 -10.44 17.95
C MET B 281 9.38 -9.00 17.63
N PRO B 282 9.05 -8.20 18.67
CA PRO B 282 8.66 -6.81 18.39
C PRO B 282 9.75 -6.02 17.66
N GLU B 283 11.01 -6.40 17.86
CA GLU B 283 12.14 -5.70 17.27
C GLU B 283 12.45 -6.19 15.86
N SER B 284 11.85 -7.31 15.47
CA SER B 284 12.07 -7.86 14.14
C SER B 284 11.47 -6.94 13.08
N ASP B 285 12.16 -6.83 11.94
CA ASP B 285 11.75 -5.92 10.87
C ASP B 285 11.40 -6.66 9.58
N ASP B 286 11.54 -7.99 9.59
CA ASP B 286 11.25 -8.82 8.42
C ASP B 286 10.16 -9.84 8.74
N PHE B 287 9.17 -9.39 9.50
CA PHE B 287 8.09 -10.27 9.96
C PHE B 287 7.26 -10.78 8.79
N TYR B 288 7.16 -12.11 8.69
CA TYR B 288 6.32 -12.76 7.69
C TYR B 288 5.24 -13.58 8.40
N PHE B 289 4.03 -13.57 7.86
CA PHE B 289 2.90 -14.26 8.47
C PHE B 289 1.79 -14.48 7.46
N ASP B 290 1.20 -15.67 7.48
CA ASP B 290 0.10 -15.97 6.57
C ASP B 290 -0.59 -17.27 6.95
N ALA B 291 -1.85 -17.39 6.52
CA ALA B 291 -2.59 -18.63 6.69
C ALA B 291 -2.11 -19.64 5.66
N ILE B 292 -1.93 -20.88 6.09
CA ILE B 292 -1.53 -21.95 5.19
C ILE B 292 -2.75 -22.40 4.40
N THR B 293 -2.84 -21.96 3.15
CA THR B 293 -4.00 -22.22 2.31
C THR B 293 -3.59 -22.52 0.86
N GLN B 294 -4.51 -23.09 0.11
CA GLN B 294 -4.28 -23.44 -1.29
C GLN B 294 -5.33 -22.83 -2.21
N ILE B 295 -4.94 -22.56 -3.45
CA ILE B 295 -5.84 -22.04 -4.47
C ILE B 295 -6.16 -23.12 -5.49
N LYS B 296 -7.44 -23.40 -5.71
CA LYS B 296 -7.86 -24.36 -6.72
C LYS B 296 -8.82 -23.72 -7.72
N MET B 297 -8.40 -23.70 -8.98
CA MET B 297 -9.21 -23.14 -10.07
C MET B 297 -9.31 -24.13 -11.22
N LYS B 298 -10.51 -24.29 -11.76
CA LYS B 298 -10.70 -25.13 -12.94
C LYS B 298 -9.94 -24.54 -14.11
N SER B 299 -9.92 -23.20 -14.18
CA SER B 299 -9.17 -22.49 -15.20
C SER B 299 -8.43 -21.31 -14.59
N TRP B 300 -7.12 -21.22 -14.87
CA TRP B 300 -6.30 -20.13 -14.36
C TRP B 300 -6.34 -18.92 -15.29
N THR B 301 -7.16 -19.00 -16.32
CA THR B 301 -7.22 -17.97 -17.36
C THR B 301 -8.64 -17.54 -17.68
N LYS B 302 -8.76 -16.34 -18.21
CA LYS B 302 -10.04 -15.82 -18.71
C LYS B 302 -9.75 -14.79 -19.79
N GLY B 303 -10.15 -15.08 -21.01
CA GLY B 303 -9.89 -14.21 -22.14
C GLY B 303 -8.40 -14.01 -22.35
N ARG B 304 -7.96 -12.76 -22.26
CA ARG B 304 -6.56 -12.40 -22.47
C ARG B 304 -5.80 -12.28 -21.15
N ILE B 305 -6.40 -12.75 -20.07
CA ILE B 305 -5.79 -12.67 -18.75
C ILE B 305 -5.50 -14.06 -18.19
N ALA B 306 -4.28 -14.24 -17.67
CA ALA B 306 -3.85 -15.49 -17.07
C ALA B 306 -3.28 -15.27 -15.68
N LEU B 307 -3.60 -16.17 -14.76
CA LEU B 307 -2.98 -16.17 -13.43
C LEU B 307 -1.84 -17.17 -13.43
N ILE B 308 -0.85 -16.92 -12.56
CA ILE B 308 0.31 -17.80 -12.46
C ILE B 308 0.88 -17.75 -11.05
N GLY B 309 1.58 -18.81 -10.66
CA GLY B 309 2.16 -18.89 -9.34
C GLY B 309 1.10 -19.07 -8.26
N ASP B 310 1.39 -18.59 -7.06
CA ASP B 310 0.47 -18.73 -5.92
C ASP B 310 -0.91 -18.16 -6.21
N ALA B 311 -0.96 -17.10 -7.02
CA ALA B 311 -2.24 -16.48 -7.37
C ALA B 311 -3.17 -17.49 -8.02
N ALA B 312 -2.60 -18.43 -8.76
CA ALA B 312 -3.35 -19.40 -9.54
C ALA B 312 -3.49 -20.75 -8.85
N TYR B 313 -2.40 -21.23 -8.26
CA TYR B 313 -2.35 -22.60 -7.78
C TYR B 313 -1.43 -22.81 -6.58
N CYS B 314 -1.45 -21.87 -5.65
CA CYS B 314 -0.63 -21.98 -4.44
C CYS B 314 -0.77 -23.35 -3.78
N PRO B 315 0.36 -24.08 -3.60
CA PRO B 315 0.31 -25.36 -2.89
C PRO B 315 0.55 -25.22 -1.39
N SER B 316 0.77 -23.99 -0.94
CA SER B 316 0.94 -23.67 0.49
C SER B 316 2.33 -24.05 0.99
N PRO B 317 2.81 -23.36 2.04
CA PRO B 317 4.14 -23.63 2.61
C PRO B 317 4.35 -25.09 3.06
N LEU B 318 3.27 -25.79 3.39
CA LEU B 318 3.40 -27.17 3.84
C LEU B 318 3.84 -28.10 2.72
N SER B 319 3.67 -27.65 1.47
CA SER B 319 4.11 -28.43 0.32
C SER B 319 5.60 -28.24 0.08
N GLY B 320 6.07 -27.02 0.32
CA GLY B 320 7.44 -26.65 0.04
C GLY B 320 7.72 -26.63 -1.46
N GLN B 321 6.67 -26.56 -2.25
CA GLN B 321 6.77 -26.65 -3.70
C GLN B 321 6.28 -25.39 -4.42
N GLY B 322 5.97 -24.35 -3.66
CA GLY B 322 5.44 -23.12 -4.22
C GLY B 322 6.33 -22.52 -5.29
N ASN B 323 7.61 -22.35 -4.97
CA ASN B 323 8.55 -21.75 -5.91
C ASN B 323 8.79 -22.65 -7.11
N ASN B 324 8.67 -23.96 -6.92
CA ASN B 324 8.85 -24.92 -7.99
C ASN B 324 7.70 -24.90 -9.00
N LEU B 325 6.47 -24.81 -8.50
CA LEU B 325 5.31 -24.68 -9.38
C LEU B 325 5.36 -23.36 -10.14
N ALA B 326 6.00 -22.35 -9.54
CA ALA B 326 6.13 -21.05 -10.19
C ALA B 326 7.03 -21.16 -11.42
N PHE B 327 8.16 -21.85 -11.26
CA PHE B 327 9.10 -22.06 -12.36
C PHE B 327 8.45 -22.84 -13.50
N VAL B 328 7.77 -23.93 -13.15
CA VAL B 328 7.14 -24.79 -14.14
C VAL B 328 6.04 -24.05 -14.91
N GLY B 329 5.19 -23.35 -14.18
CA GLY B 329 4.12 -22.58 -14.79
C GLY B 329 4.66 -21.50 -15.72
N ALA B 330 5.73 -20.84 -15.28
CA ALA B 330 6.35 -19.78 -16.06
C ALA B 330 6.85 -20.32 -17.40
N TYR B 331 7.51 -21.48 -17.33
CA TYR B 331 8.07 -22.12 -18.51
C TYR B 331 6.99 -22.60 -19.46
N ILE B 332 5.96 -23.25 -18.93
CA ILE B 332 4.91 -23.83 -19.76
C ILE B 332 4.05 -22.74 -20.40
N LEU B 333 3.68 -21.72 -19.62
CA LEU B 333 2.83 -20.65 -20.14
C LEU B 333 3.50 -19.91 -21.30
N ALA B 334 4.74 -19.50 -21.10
CA ALA B 334 5.50 -18.80 -22.12
C ALA B 334 5.73 -19.72 -23.33
N GLY B 335 6.02 -20.98 -23.05
CA GLY B 335 6.28 -21.96 -24.09
C GLY B 335 5.07 -22.23 -24.97
N GLU B 336 3.90 -22.38 -24.35
CA GLU B 336 2.68 -22.65 -25.10
C GLU B 336 2.25 -21.44 -25.92
N LEU B 337 2.57 -20.24 -25.44
CA LEU B 337 2.29 -19.02 -26.18
C LEU B 337 3.18 -18.94 -27.42
N LYS B 338 4.44 -19.31 -27.24
CA LYS B 338 5.39 -19.37 -28.35
C LYS B 338 4.92 -20.38 -29.39
N LYS B 339 4.52 -21.56 -28.91
CA LYS B 339 4.14 -22.66 -29.78
C LYS B 339 2.87 -22.37 -30.57
N ALA B 340 1.97 -21.58 -30.00
CA ALA B 340 0.69 -21.26 -30.63
C ALA B 340 0.81 -20.05 -31.55
N ASP B 341 2.03 -19.60 -31.81
CA ASP B 341 2.28 -18.43 -32.64
C ASP B 341 1.52 -17.21 -32.12
N GLY B 342 1.35 -17.14 -30.81
CA GLY B 342 0.70 -16.01 -30.17
C GLY B 342 -0.79 -16.19 -29.97
N ASP B 343 -1.35 -17.26 -30.54
CA ASP B 343 -2.75 -17.57 -30.32
C ASP B 343 -2.98 -17.91 -28.85
N TYR B 344 -3.34 -16.88 -28.09
CA TYR B 344 -3.44 -17.00 -26.63
C TYR B 344 -4.57 -17.92 -26.19
N ILE B 345 -5.64 -17.99 -26.97
CA ILE B 345 -6.77 -18.84 -26.62
C ILE B 345 -6.33 -20.30 -26.56
N GLN B 346 -5.58 -20.73 -27.56
CA GLN B 346 -5.06 -22.09 -27.62
C GLN B 346 -3.99 -22.29 -26.54
N ALA B 347 -3.11 -21.30 -26.39
CA ALA B 347 -2.02 -21.39 -25.44
C ALA B 347 -2.53 -21.52 -24.00
N PHE B 348 -3.51 -20.70 -23.64
CA PHE B 348 -4.09 -20.73 -22.30
C PHE B 348 -4.76 -22.07 -22.01
N THR B 349 -5.37 -22.66 -23.04
CA THR B 349 -6.01 -23.96 -22.89
C THR B 349 -4.97 -25.04 -22.58
N ARG B 350 -3.89 -25.06 -23.36
CA ARG B 350 -2.81 -26.01 -23.15
C ARG B 350 -2.13 -25.80 -21.80
N TYR B 351 -1.98 -24.53 -21.43
CA TYR B 351 -1.42 -24.15 -20.13
C TYR B 351 -2.21 -24.81 -19.00
N ASN B 352 -3.53 -24.67 -19.04
CA ASN B 352 -4.40 -25.30 -18.06
C ASN B 352 -4.32 -26.82 -18.09
N GLU B 353 -4.40 -27.39 -19.29
CA GLU B 353 -4.45 -28.83 -19.47
C GLU B 353 -3.16 -29.52 -19.01
N LEU B 354 -2.02 -29.01 -19.46
CA LEU B 354 -0.74 -29.66 -19.21
C LEU B 354 -0.30 -29.59 -17.75
N LEU B 355 -0.70 -28.55 -17.04
CA LEU B 355 -0.11 -28.24 -15.74
C LEU B 355 -0.99 -28.63 -14.55
N HIS B 356 -2.30 -28.75 -14.74
CA HIS B 356 -3.21 -29.02 -13.63
C HIS B 356 -2.88 -30.30 -12.84
N PRO B 357 -2.61 -31.41 -13.54
CA PRO B 357 -2.28 -32.65 -12.83
C PRO B 357 -1.05 -32.51 -11.92
N PHE B 358 -0.01 -31.85 -12.41
CA PHE B 358 1.20 -31.62 -11.63
C PHE B 358 0.91 -30.73 -10.43
N VAL B 359 0.09 -29.70 -10.65
CA VAL B 359 -0.33 -28.80 -9.58
C VAL B 359 -1.07 -29.58 -8.49
N GLU B 360 -2.07 -30.36 -8.92
CA GLU B 360 -2.93 -31.08 -7.99
C GLU B 360 -2.13 -32.10 -7.18
N ALA B 361 -1.13 -32.72 -7.81
CA ALA B 361 -0.29 -33.68 -7.11
C ALA B 361 0.53 -33.01 -6.01
N ASN B 362 1.09 -31.84 -6.31
CA ASN B 362 1.88 -31.11 -5.33
C ASN B 362 1.00 -30.51 -4.22
N GLN B 363 -0.22 -30.13 -4.57
CA GLN B 363 -1.16 -29.59 -3.60
C GLN B 363 -1.60 -30.69 -2.63
N GLN B 364 -1.90 -31.86 -3.16
CA GLN B 364 -2.31 -33.00 -2.35
C GLN B 364 -1.17 -33.50 -1.48
N PHE B 365 0.06 -33.29 -1.94
CA PHE B 365 1.22 -33.60 -1.11
C PHE B 365 1.24 -32.69 0.10
N GLY B 366 0.93 -31.41 -0.12
CA GLY B 366 0.84 -30.46 0.97
C GLY B 366 -0.20 -30.86 1.99
N VAL B 367 -1.36 -31.33 1.50
CA VAL B 367 -2.41 -31.82 2.38
C VAL B 367 -1.94 -33.07 3.11
N TRP B 368 -1.19 -33.91 2.40
CA TRP B 368 -0.65 -35.13 2.97
C TRP B 368 0.35 -34.79 4.08
N VAL B 369 1.09 -33.71 3.90
CA VAL B 369 2.03 -33.24 4.91
C VAL B 369 1.29 -32.68 6.12
N SER B 370 0.20 -31.96 5.87
CA SER B 370 -0.57 -31.34 6.94
C SER B 370 -1.16 -32.40 7.86
N GLU B 371 -1.58 -33.51 7.27
CA GLU B 371 -2.14 -34.62 8.02
C GLU B 371 -1.07 -35.32 8.87
N SER B 372 0.19 -35.16 8.47
CA SER B 372 1.32 -35.71 9.23
C SER B 372 1.71 -34.81 10.40
N PHE B 373 1.24 -33.56 10.37
CA PHE B 373 1.49 -32.61 11.45
C PHE B 373 0.19 -32.21 12.16
N LEU B 374 -0.90 -32.89 11.80
CA LEU B 374 -2.20 -32.63 12.41
C LEU B 374 -2.75 -33.89 13.08
N GLU B 386 9.86 -38.34 14.38
CA GLU B 386 10.86 -39.38 14.53
C GLU B 386 11.39 -39.80 13.17
N ALA B 387 10.75 -40.81 12.56
CA ALA B 387 11.10 -41.25 11.21
C ALA B 387 10.26 -40.50 10.17
N ARG B 388 9.63 -39.43 10.63
CA ARG B 388 8.78 -38.63 9.75
C ARG B 388 9.62 -37.77 8.82
N SER B 389 10.91 -37.67 9.14
CA SER B 389 11.86 -36.94 8.30
C SER B 389 12.18 -37.73 7.04
N ASN B 390 12.54 -38.99 7.21
CA ASN B 390 12.82 -39.88 6.09
C ASN B 390 11.60 -40.02 5.18
N LYS B 391 10.42 -39.95 5.76
CA LYS B 391 9.18 -40.24 5.04
C LYS B 391 8.76 -39.08 4.13
N ILE B 392 8.88 -37.86 4.63
CA ILE B 392 8.53 -36.68 3.84
C ILE B 392 9.57 -36.50 2.73
N LEU B 393 10.84 -36.74 3.07
CA LEU B 393 11.92 -36.68 2.10
C LEU B 393 11.69 -37.72 1.00
N ALA B 394 11.12 -38.85 1.38
CA ALA B 394 10.88 -39.94 0.44
C ALA B 394 9.70 -39.63 -0.46
N MET B 395 8.61 -39.20 0.15
CA MET B 395 7.35 -38.98 -0.56
C MET B 395 7.46 -37.88 -1.62
N ILE B 396 8.17 -36.81 -1.28
CA ILE B 396 8.29 -35.64 -2.16
C ILE B 396 8.90 -36.03 -3.52
N LYS B 397 9.72 -37.06 -3.53
CA LYS B 397 10.40 -37.49 -4.74
C LYS B 397 9.43 -38.11 -5.75
N SER B 398 8.24 -38.45 -5.29
CA SER B 398 7.20 -38.97 -6.18
C SER B 398 6.40 -37.85 -6.86
N VAL B 399 6.56 -36.62 -6.38
CA VAL B 399 5.79 -35.49 -6.90
C VAL B 399 6.65 -34.38 -7.53
N SER B 400 7.91 -34.29 -7.11
CA SER B 400 8.76 -33.19 -7.56
C SER B 400 9.13 -33.28 -9.04
N ASN B 401 9.12 -34.50 -9.59
CA ASN B 401 9.40 -34.71 -11.01
C ASN B 401 8.25 -35.43 -11.71
N SER B 402 7.05 -35.25 -11.19
CA SER B 402 5.87 -35.95 -11.71
C SER B 402 5.21 -35.20 -12.87
N ILE B 403 6.03 -34.73 -13.80
CA ILE B 403 5.51 -34.14 -15.03
C ILE B 403 6.49 -34.40 -16.17
N ASN B 404 5.95 -34.64 -17.37
CA ASN B 404 6.77 -34.73 -18.56
C ASN B 404 6.84 -33.34 -19.20
N LEU B 405 7.87 -32.59 -18.84
CA LEU B 405 7.99 -31.21 -19.27
C LEU B 405 8.20 -31.13 -20.79
N PRO B 406 7.38 -30.31 -21.49
CA PRO B 406 7.60 -30.14 -22.93
C PRO B 406 8.95 -29.53 -23.25
N GLN B 407 9.42 -29.75 -24.48
CA GLN B 407 10.65 -29.13 -24.98
C GLN B 407 10.31 -28.10 -26.05
N TYR B 408 10.26 -26.84 -25.65
CA TYR B 408 9.82 -25.77 -26.55
C TYR B 408 10.95 -25.27 -27.46
N GLU B 409 12.13 -25.85 -27.31
CA GLU B 409 13.28 -25.46 -28.12
C GLU B 409 14.02 -26.69 -28.65
#